data_4YG8
#
_entry.id   4YG8
#
_cell.length_a   165.750
_cell.length_b   165.750
_cell.length_c   263.846
_cell.angle_alpha   90.00
_cell.angle_beta   90.00
_cell.angle_gamma   120.00
#
_symmetry.space_group_name_H-M   'P 63 2 2'
#
loop_
_entity.id
_entity.type
_entity.pdbx_description
1 polymer 'Chitin biosynthesis protein CHS5'
2 polymer 'Chitin biosynthesis protein CHS6'
3 non-polymer '4-(2-HYDROXYETHYL)-1-PIPERAZINE ETHANESULFONIC ACID'
4 non-polymer GLYCEROL
5 water water
#
loop_
_entity_poly.entity_id
_entity_poly.type
_entity_poly.pdbx_seq_one_letter_code
_entity_poly.pdbx_strand_id
1 'polypeptide(L)'
;(UNK)(UNK)(UNK)(UNK)(UNK)(UNK)(UNK)(UNK)(UNK)(UNK)(UNK)(UNK)(UNK)(UNK)(UNK)(UNK)
(UNK)(UNK)(UNK)(UNK)(UNK)(UNK)(UNK)(UNK)(UNK)(UNK)(UNK)(UNK)(UNK)(UNK)(UNK)(UNK)
(UNK)(UNK)(UNK)(UNK)(UNK)(UNK)(UNK)(UNK)SQNLEEEKKQRNHFKSIQAKILEKYGTHKPESPVLKIVNV
TQTSCVLAWDPLKLGSAKLKSLILYRKGIRSMVIPNPFKVTTTKISGLSVDTPYEFQLKLITTSGTLWSEKVILRTHKMT
DMSGITVCLGPLDPLKEISDLQISQCLSHIGARPLQRHVAIDTTHFVCNDLDNEESNEELIRAKHNNIPIVRPEWVRACE
VEKRIVGVRGFYLDADQSILKSYTFPPVNEEELSYSKENEPVAEVADENK
;
A
2 'polypeptide(L)'
;MNLFWPSETKKQNEIPGGDYTPGNSPSVQKGYQFLNRDIFKSCPRIMERQFGECLHNRTHLIKDLISSGNVGLGPIEIVH
MSYLNKHEKEEFGEYFYVTGIEVSGPAMPVEFLEVLKSSKRISKNISNNIILTYCCFNFFSNLDIRIRYDADDTFQTTAI
DCNKETTDLTMTEKMWEETFASSVIRAIITNTNPELKPPGLVECPFYVGKDTISSCKKIIELLCRFLPRSLNCGWDSTKS
MQATIVNNYLMYSLKSFIAITPSLVDFTIDYLKGLTKKDPIHDIYYKTAMITILDHIETKELDMITILNETLDPLLSLLN
DLPPRDADSARLMNCMSDLLNIQTNFLLNRGDYELALGVSNTSTELALDSFESWYNLARCHIKKEEYEKALFAINSMPRL
RKNDGHLETMYSRFLTSNYYKKPLNGTREHYDLTAMEFTNLSGTLRNWKEDELKRQIFGRIAMINEKKIGYTKEIWDDIA
IKLGPICGPQSVNLINYVSPQEVKNIKNINLIARNTIGKQLGWFSGKIYGLLMEIVNKIGWNGLLNIRTEAFMMETEFYQ
ASNNIIDENGHIPMESRKKRFCEGWLDDLFLDLYQDLKLSKISLSNKDEKHSGLEWELLGLIMLRTWHWEDAVACLRTSI
VARFDPVSCQQLLKIYLQPPKNIQEVTLLDTDTIISLLIKKISYDCRYYNYCQIFNLQLLEKLCNELGTHILRNKILLQP
SIGDEIMVMIDAMLAWIADLDHTVQPGTENLYFQ
;
B
#
loop_
_chem_comp.id
_chem_comp.type
_chem_comp.name
_chem_comp.formula
EPE non-polymer '4-(2-HYDROXYETHYL)-1-PIPERAZINE ETHANESULFONIC ACID' 'C8 H18 N2 O4 S'
GOL non-polymer GLYCEROL 'C3 H8 O3'
#
# COMPACT_ATOMS: atom_id res chain seq x y z
N UNK A 1 47.36 -18.62 17.39
CA UNK A 1 48.24 -18.91 18.53
C UNK A 1 47.61 -18.45 19.84
N UNK A 2 48.05 -19.06 20.94
CA UNK A 2 47.73 -18.56 22.29
C UNK A 2 48.96 -18.54 23.24
N UNK A 3 49.38 -17.33 23.64
CA UNK A 3 50.67 -17.08 24.33
C UNK A 3 50.58 -16.23 25.60
N UNK A 4 51.05 -16.79 26.73
CA UNK A 4 51.06 -16.12 28.05
C UNK A 4 52.23 -15.12 28.27
N UNK A 5 51.88 -13.88 28.64
CA UNK A 5 52.85 -12.80 28.88
C UNK A 5 52.83 -12.33 30.36
N UNK A 6 53.90 -11.72 30.88
CA UNK A 6 53.89 -11.11 32.23
C UNK A 6 54.00 -9.58 32.10
N UNK A 7 53.58 -8.82 33.12
CA UNK A 7 53.43 -7.37 32.97
C UNK A 7 54.23 -6.49 33.95
N UNK A 8 55.26 -5.78 33.45
CA UNK A 8 55.99 -4.80 34.27
C UNK A 8 55.75 -3.34 33.83
N UNK A 9 55.03 -2.59 34.67
CA UNK A 9 54.62 -1.18 34.45
C UNK A 9 53.36 -1.04 33.59
N UNK A 10 53.35 0.18 30.79
CA UNK A 10 52.56 -0.63 29.86
C UNK A 10 53.40 -1.60 29.01
N UNK A 11 54.53 -2.09 29.54
CA UNK A 11 55.41 -3.04 28.82
C UNK A 11 55.19 -4.53 29.23
N UNK A 12 54.89 -5.41 28.26
CA UNK A 12 54.60 -6.83 28.54
C UNK A 12 55.75 -7.76 28.08
N UNK A 13 56.01 -8.86 28.82
CA UNK A 13 57.19 -9.72 28.55
C UNK A 13 56.85 -11.20 28.30
N UNK A 14 57.43 -11.78 27.26
CA UNK A 14 57.31 -13.22 26.95
C UNK A 14 58.14 -14.02 27.95
N UNK A 15 57.91 -15.33 28.04
CA UNK A 15 58.87 -16.22 28.71
C UNK A 15 60.13 -16.41 27.83
N UNK A 16 60.05 -15.94 26.58
CA UNK A 16 61.20 -15.90 25.67
C UNK A 16 62.07 -14.68 25.93
N UNK A 17 61.53 -13.74 26.72
CA UNK A 17 62.14 -12.43 27.06
C UNK A 17 61.93 -11.31 25.99
N UNK A 18 61.29 -11.66 24.88
CA UNK A 18 60.88 -10.68 23.89
C UNK A 18 59.76 -9.81 24.48
N UNK A 19 59.91 -8.48 24.44
CA UNK A 19 58.99 -7.53 25.11
C UNK A 19 58.03 -6.72 24.18
N UNK A 20 56.72 -7.03 24.22
CA UNK A 20 55.66 -6.36 23.43
C UNK A 20 55.06 -5.17 24.17
N UNK A 21 54.91 -4.01 23.52
CA UNK A 21 54.24 -2.85 24.13
C UNK A 21 52.70 -2.95 24.05
N UNK A 22 51.98 -2.26 24.95
CA UNK A 22 50.51 -2.07 24.90
C UNK A 22 50.15 -0.69 25.47
N UNK A 23 48.91 -0.23 25.28
CA UNK A 23 48.55 1.15 25.70
C UNK A 23 48.42 1.41 27.22
N UNK A 24 49.07 2.48 27.70
CA UNK A 24 49.06 2.85 29.12
C UNK A 24 47.65 3.11 29.64
N UNK A 25 46.90 3.99 28.96
CA UNK A 25 45.50 4.32 29.32
C UNK A 25 44.46 3.29 28.87
N UNK A 26 44.79 2.50 27.84
CA UNK A 26 43.90 1.46 27.34
C UNK A 26 44.17 0.07 27.95
N UNK A 27 45.03 -0.01 28.97
CA UNK A 27 45.34 -1.27 29.66
C UNK A 27 44.24 -1.75 30.64
N UNK A 28 43.83 -3.02 30.51
CA UNK A 28 42.74 -3.61 31.31
C UNK A 28 43.00 -3.48 32.81
N UNK A 29 42.07 -2.90 33.55
CA UNK A 29 42.29 -2.58 34.97
C UNK A 29 42.05 -3.78 35.90
N UNK A 30 41.75 -4.95 35.32
CA UNK A 30 41.78 -6.22 36.05
C UNK A 30 43.23 -6.60 36.38
N UNK A 31 44.15 -5.88 35.72
CA UNK A 31 45.59 -6.12 35.75
C UNK A 31 46.36 -5.08 36.54
N UNK A 32 47.25 -5.58 37.39
CA UNK A 32 48.16 -4.76 38.17
C UNK A 32 49.58 -5.10 37.68
N UNK A 33 50.56 -4.21 37.92
CA UNK A 33 51.94 -4.51 37.56
C UNK A 33 52.39 -5.85 38.19
N UNK A 34 53.04 -6.67 37.36
CA UNK A 34 53.40 -8.09 37.62
C UNK A 34 52.27 -9.12 37.70
N UNK A 35 51.21 -8.87 36.94
CA UNK A 35 50.20 -9.88 36.59
C UNK A 35 50.76 -10.85 35.52
N UNK A 36 50.09 -11.98 35.31
CA UNK A 36 50.28 -12.76 34.06
C UNK A 36 48.96 -12.77 33.23
N UNK A 37 48.97 -12.19 32.01
CA UNK A 37 47.82 -12.21 31.07
C UNK A 37 48.07 -13.14 29.86
N UNK A 38 47.02 -13.79 29.34
CA UNK A 38 47.19 -14.59 28.11
C UNK A 38 46.41 -14.07 26.88
N UNK A 39 47.12 -13.42 25.94
CA UNK A 39 46.59 -12.96 24.63
C UNK A 39 46.55 -14.11 23.61
N UNK A 40 45.73 -14.03 22.55
CA UNK A 40 45.69 -15.10 21.52
C UNK A 40 45.85 -14.68 20.04
N SER A 41 43.55 -11.93 21.15
CA SER A 41 42.57 -12.64 21.95
C SER A 41 41.40 -13.10 21.09
N GLN A 42 41.70 -13.50 19.86
CA GLN A 42 40.68 -13.61 18.81
C GLN A 42 40.45 -15.03 18.24
N ASN A 43 39.28 -15.21 17.62
CA ASN A 43 38.82 -16.52 17.14
C ASN A 43 38.36 -16.52 15.66
N LEU A 44 39.07 -17.25 14.80
CA LEU A 44 38.68 -17.37 13.39
C LEU A 44 37.93 -18.67 13.06
N GLU A 45 37.53 -19.47 14.05
CA GLU A 45 36.66 -20.63 13.76
C GLU A 45 35.15 -20.32 13.88
N GLU A 46 34.88 -19.36 14.77
CA GLU A 46 33.53 -18.94 15.08
C GLU A 46 32.86 -18.36 13.85
N GLU A 47 33.65 -17.71 13.01
CA GLU A 47 33.12 -17.12 11.81
C GLU A 47 32.55 -18.22 10.92
N LYS A 48 33.26 -19.34 10.82
CA LYS A 48 32.76 -20.44 10.01
C LYS A 48 31.47 -20.94 10.60
N LYS A 49 31.45 -21.06 11.92
CA LYS A 49 30.21 -21.55 12.50
C LYS A 49 29.03 -20.62 12.22
N GLN A 50 29.26 -19.31 12.31
CA GLN A 50 28.22 -18.33 12.05
C GLN A 50 27.74 -18.39 10.61
N ARG A 51 28.67 -18.56 9.69
CA ARG A 51 28.32 -18.64 8.29
C ARG A 51 27.42 -19.83 8.10
N ASN A 52 27.69 -20.92 8.80
CA ASN A 52 26.82 -22.08 8.65
C ASN A 52 25.36 -21.85 9.06
N HIS A 53 25.14 -21.15 10.17
CA HIS A 53 23.80 -20.83 10.67
C HIS A 53 23.04 -19.92 9.69
N PHE A 54 23.72 -18.87 9.25
CA PHE A 54 23.14 -17.94 8.29
C PHE A 54 22.51 -18.69 7.12
N LYS A 55 23.26 -19.65 6.55
CA LYS A 55 22.78 -20.38 5.39
C LYS A 55 21.70 -21.40 5.71
N SER A 56 21.75 -22.01 6.88
CA SER A 56 20.73 -22.98 7.21
C SER A 56 19.40 -22.26 7.28
N ILE A 57 19.41 -21.08 7.89
CA ILE A 57 18.20 -20.28 8.01
C ILE A 57 17.72 -19.81 6.65
N GLN A 58 18.64 -19.37 5.82
CA GLN A 58 18.29 -18.91 4.49
C GLN A 58 17.70 -20.06 3.70
N ALA A 59 18.29 -21.23 3.83
CA ALA A 59 17.81 -22.38 3.12
C ALA A 59 16.41 -22.75 3.58
N LYS A 60 16.18 -22.71 4.89
CA LYS A 60 14.88 -23.05 5.41
C LYS A 60 13.85 -22.09 4.89
N ILE A 61 14.19 -20.80 4.90
CA ILE A 61 13.25 -19.82 4.45
C ILE A 61 12.93 -20.06 3.00
N LEU A 62 13.96 -20.33 2.21
CA LEU A 62 13.66 -20.53 0.83
C LEU A 62 12.75 -21.73 0.66
N GLU A 63 13.05 -22.85 1.28
CA GLU A 63 12.15 -23.91 0.98
C GLU A 63 10.74 -23.51 1.37
N LYS A 64 10.61 -23.06 2.59
CA LYS A 64 9.29 -22.77 3.12
C LYS A 64 8.47 -21.76 2.39
N TYR A 65 9.06 -20.69 1.89
CA TYR A 65 8.17 -19.72 1.25
C TYR A 65 8.53 -19.47 -0.16
N GLY A 66 9.49 -20.25 -0.62
CA GLY A 66 10.01 -20.03 -1.94
C GLY A 66 9.67 -21.09 -2.93
N THR A 67 9.27 -22.23 -2.40
CA THR A 67 8.93 -23.32 -3.30
C THR A 67 7.41 -23.36 -3.51
N HIS A 68 6.95 -24.31 -4.31
CA HIS A 68 5.52 -24.47 -4.53
C HIS A 68 4.92 -25.44 -3.53
N LYS A 69 4.05 -24.92 -2.67
CA LYS A 69 3.57 -25.67 -1.52
C LYS A 69 2.19 -26.27 -1.73
N PRO A 70 2.10 -27.61 -1.63
CA PRO A 70 0.81 -28.29 -1.78
C PRO A 70 -0.21 -27.75 -0.78
N GLU A 71 -1.37 -27.35 -1.31
CA GLU A 71 -2.43 -26.73 -0.52
C GLU A 71 -3.25 -27.76 0.26
N SER A 72 -3.93 -27.31 1.32
CA SER A 72 -4.76 -28.21 2.12
C SER A 72 -6.08 -28.55 1.41
N PRO A 73 -6.57 -29.79 1.62
CA PRO A 73 -7.78 -30.28 0.94
C PRO A 73 -9.06 -29.65 1.49
N VAL A 74 -9.99 -29.33 0.61
CA VAL A 74 -11.24 -28.70 1.02
C VAL A 74 -12.41 -29.67 0.90
N LEU A 75 -13.08 -29.97 2.00
CA LEU A 75 -14.11 -31.00 2.02
C LEU A 75 -15.53 -30.40 2.03
N LYS A 76 -16.32 -30.76 1.02
CA LYS A 76 -17.70 -30.26 0.91
C LYS A 76 -18.77 -31.36 0.92
N ILE A 77 -19.98 -30.99 1.31
CA ILE A 77 -21.13 -31.88 1.34
C ILE A 77 -21.92 -31.83 0.02
N VAL A 78 -21.93 -32.91 -0.75
CA VAL A 78 -22.70 -32.94 -1.99
C VAL A 78 -24.22 -33.14 -1.80
N ASN A 79 -24.58 -34.16 -1.00
CA ASN A 79 -25.98 -34.44 -0.68
C ASN A 79 -26.11 -35.30 0.59
N VAL A 80 -27.27 -35.25 1.23
CA VAL A 80 -27.52 -36.05 2.43
C VAL A 80 -28.89 -36.70 2.45
N THR A 81 -28.90 -38.02 2.64
CA THR A 81 -30.11 -38.84 2.79
C THR A 81 -30.31 -39.32 4.23
N GLN A 82 -31.29 -40.20 4.46
CA GLN A 82 -31.46 -40.79 5.78
C GLN A 82 -30.35 -41.79 6.11
N THR A 83 -30.04 -42.66 5.19
CA THR A 83 -28.99 -43.64 5.45
C THR A 83 -27.63 -43.31 4.84
N SER A 84 -27.54 -42.22 4.07
CA SER A 84 -26.31 -41.95 3.30
C SER A 84 -25.91 -40.48 3.11
N CYS A 85 -24.68 -40.29 2.63
CA CYS A 85 -24.23 -38.97 2.19
C CYS A 85 -23.17 -39.08 1.09
N VAL A 86 -23.10 -38.06 0.22
CA VAL A 86 -22.02 -37.97 -0.76
C VAL A 86 -21.10 -36.79 -0.47
N LEU A 87 -19.80 -37.06 -0.41
CA LEU A 87 -18.81 -36.03 -0.12
C LEU A 87 -17.90 -35.80 -1.32
N ALA A 88 -17.49 -34.55 -1.51
CA ALA A 88 -16.46 -34.22 -2.50
C ALA A 88 -15.48 -33.20 -1.95
N TRP A 89 -14.35 -33.09 -2.64
CA TRP A 89 -13.35 -32.10 -2.31
C TRP A 89 -12.99 -31.27 -3.54
N ASP A 90 -12.53 -30.05 -3.31
CA ASP A 90 -11.94 -29.23 -4.37
C ASP A 90 -10.66 -29.94 -4.84
N PRO A 91 -10.36 -29.87 -6.14
CA PRO A 91 -9.25 -30.63 -6.74
C PRO A 91 -7.94 -30.42 -6.00
N LEU A 92 -7.14 -31.48 -5.90
CA LEU A 92 -5.86 -31.43 -5.18
C LEU A 92 -4.85 -30.50 -5.85
N LYS A 93 -4.06 -29.80 -5.02
CA LYS A 93 -2.97 -28.96 -5.49
C LYS A 93 -1.68 -29.32 -4.77
N LEU A 94 -0.70 -29.83 -5.49
CA LEU A 94 0.59 -30.05 -4.90
C LEU A 94 1.60 -29.38 -5.80
N GLY A 95 2.37 -28.43 -5.27
CA GLY A 95 3.28 -27.72 -6.14
C GLY A 95 4.41 -28.56 -6.71
N SER A 96 5.10 -29.30 -5.86
CA SER A 96 6.19 -30.15 -6.32
C SER A 96 6.06 -31.53 -5.76
N ALA A 97 5.17 -31.68 -4.80
CA ALA A 97 5.06 -32.91 -4.09
C ALA A 97 4.60 -34.00 -5.02
N LYS A 98 5.11 -35.20 -4.81
CA LYS A 98 4.41 -36.37 -5.24
C LYS A 98 3.34 -36.42 -4.18
N LEU A 99 2.20 -36.98 -4.52
CA LEU A 99 1.17 -37.23 -3.54
C LEU A 99 1.32 -38.68 -3.22
N LYS A 100 1.30 -39.00 -1.94
CA LYS A 100 1.30 -40.42 -1.58
C LYS A 100 -0.11 -40.93 -1.23
N SER A 101 -0.67 -40.37 -0.16
CA SER A 101 -1.89 -40.90 0.44
C SER A 101 -2.98 -39.85 0.70
N LEU A 102 -4.21 -40.17 0.29
CA LEU A 102 -5.37 -39.39 0.67
C LEU A 102 -6.31 -40.28 1.46
N ILE A 103 -6.79 -39.79 2.61
CA ILE A 103 -7.55 -40.62 3.55
C ILE A 103 -8.71 -39.89 4.25
N LEU A 104 -9.83 -40.59 4.37
CA LEU A 104 -11.01 -40.05 5.06
C LEU A 104 -11.07 -40.49 6.52
N TYR A 105 -11.50 -39.57 7.39
CA TYR A 105 -11.61 -39.84 8.82
C TYR A 105 -12.97 -39.40 9.38
N ARG A 106 -13.60 -40.26 10.16
CA ARG A 106 -14.68 -39.82 11.05
C ARG A 106 -14.44 -40.43 12.42
N LYS A 107 -14.16 -39.57 13.40
CA LYS A 107 -13.67 -40.05 14.69
C LYS A 107 -12.53 -41.07 14.50
N GLY A 108 -11.53 -40.73 13.69
CA GLY A 108 -10.42 -41.63 13.41
C GLY A 108 -10.40 -42.26 12.02
N ILE A 109 -9.37 -43.06 11.75
CA ILE A 109 -9.04 -43.51 10.39
C ILE A 109 -9.86 -44.68 9.86
N ARG A 110 -10.80 -45.16 10.66
CA ARG A 110 -11.63 -46.30 10.27
C ARG A 110 -12.13 -46.07 8.85
N SER A 111 -12.45 -44.81 8.55
CA SER A 111 -12.82 -44.40 7.21
C SER A 111 -11.68 -44.70 6.24
N MET A 112 -12.04 -45.00 5.00
CA MET A 112 -11.10 -45.62 4.06
C MET A 112 -10.05 -44.70 3.42
N VAL A 113 -9.37 -45.27 2.43
CA VAL A 113 -8.35 -44.60 1.64
C VAL A 113 -8.83 -44.42 0.19
N ILE A 114 -9.06 -43.18 -0.23
CA ILE A 114 -9.58 -42.90 -1.56
C ILE A 114 -8.65 -43.45 -2.65
N PRO A 115 -9.19 -44.33 -3.50
CA PRO A 115 -8.38 -44.99 -4.52
C PRO A 115 -7.81 -44.04 -5.57
N ASN A 116 -8.64 -43.11 -6.06
CA ASN A 116 -8.23 -42.21 -7.14
C ASN A 116 -8.55 -40.77 -6.79
N PRO A 117 -7.86 -40.20 -5.81
CA PRO A 117 -8.22 -38.87 -5.33
C PRO A 117 -8.10 -37.83 -6.44
N PHE A 118 -7.36 -38.18 -7.49
CA PHE A 118 -7.15 -37.26 -8.61
C PHE A 118 -8.28 -37.34 -9.61
N LYS A 119 -8.41 -38.51 -10.24
CA LYS A 119 -9.40 -38.73 -11.28
C LYS A 119 -10.84 -38.55 -10.77
N VAL A 120 -11.07 -38.83 -9.50
CA VAL A 120 -12.42 -38.80 -8.94
C VAL A 120 -12.51 -38.02 -7.62
N THR A 121 -13.32 -36.96 -7.64
CA THR A 121 -13.41 -36.01 -6.53
C THR A 121 -14.48 -36.32 -5.46
N THR A 122 -15.15 -37.46 -5.57
CA THR A 122 -16.23 -37.82 -4.62
C THR A 122 -16.12 -39.20 -3.97
N THR A 123 -16.86 -39.40 -2.88
CA THR A 123 -17.20 -40.74 -2.36
C THR A 123 -18.57 -40.77 -1.67
N LYS A 124 -19.23 -41.91 -1.77
CA LYS A 124 -20.52 -42.11 -1.12
C LYS A 124 -20.28 -42.91 0.15
N ILE A 125 -20.84 -42.43 1.26
CA ILE A 125 -20.74 -43.16 2.51
C ILE A 125 -22.09 -43.81 2.77
N SER A 126 -22.11 -45.13 2.69
CA SER A 126 -23.35 -45.90 2.50
C SER A 126 -24.11 -46.24 3.78
N GLY A 127 -23.61 -47.20 4.54
CA GLY A 127 -24.30 -47.58 5.75
C GLY A 127 -24.29 -46.39 6.68
N LEU A 128 -25.44 -46.06 7.24
CA LEU A 128 -25.51 -44.99 8.24
C LEU A 128 -26.79 -45.18 8.96
N SER A 129 -27.14 -44.22 9.80
CA SER A 129 -28.33 -44.35 10.62
C SER A 129 -29.16 -43.09 10.55
N VAL A 130 -30.46 -43.28 10.66
CA VAL A 130 -31.40 -42.18 10.50
C VAL A 130 -31.19 -41.13 11.58
N ASP A 131 -31.34 -39.86 11.20
CA ASP A 131 -31.40 -38.72 12.13
C ASP A 131 -30.21 -38.66 13.11
N THR A 132 -29.08 -39.23 12.73
CA THR A 132 -27.88 -39.27 13.59
C THR A 132 -26.70 -38.43 13.06
N PRO A 133 -26.22 -37.47 13.87
CA PRO A 133 -25.07 -36.62 13.49
C PRO A 133 -23.75 -37.38 13.30
N TYR A 134 -23.00 -37.02 12.25
CA TYR A 134 -21.67 -37.56 12.02
C TYR A 134 -20.69 -36.42 11.79
N GLU A 135 -19.42 -36.76 11.61
CA GLU A 135 -18.39 -35.79 11.28
C GLU A 135 -17.34 -36.51 10.46
N PHE A 136 -16.79 -35.80 9.49
CA PHE A 136 -15.81 -36.38 8.57
C PHE A 136 -14.69 -35.38 8.37
N GLN A 137 -13.51 -35.86 8.00
CA GLN A 137 -12.37 -35.00 7.70
C GLN A 137 -11.37 -35.69 6.76
N LEU A 138 -10.62 -34.91 5.99
CA LEU A 138 -9.60 -35.47 5.12
C LEU A 138 -8.18 -35.25 5.64
N LYS A 139 -7.32 -36.23 5.36
CA LYS A 139 -5.91 -36.14 5.69
C LYS A 139 -5.08 -36.38 4.42
N LEU A 140 -4.06 -35.56 4.24
CA LEU A 140 -3.24 -35.62 3.03
C LEU A 140 -1.79 -36.01 3.33
N ILE A 141 -1.33 -37.07 2.68
CA ILE A 141 0.07 -37.48 2.75
C ILE A 141 0.72 -37.19 1.42
N THR A 142 1.57 -36.16 1.40
CA THR A 142 2.37 -35.80 0.24
C THR A 142 3.83 -35.85 0.66
N THR A 143 4.73 -35.99 -0.30
CA THR A 143 6.15 -36.03 0.01
C THR A 143 6.53 -34.89 0.94
N SER A 144 6.08 -33.68 0.58
CA SER A 144 6.40 -32.48 1.35
C SER A 144 5.77 -32.46 2.74
N GLY A 145 4.90 -33.43 3.04
CA GLY A 145 4.35 -33.54 4.37
C GLY A 145 2.91 -34.01 4.39
N THR A 146 2.30 -33.98 5.57
CA THR A 146 0.88 -34.25 5.69
C THR A 146 0.13 -32.99 6.13
N LEU A 147 -0.82 -32.57 5.30
CA LEU A 147 -1.74 -31.52 5.71
C LEU A 147 -3.18 -32.01 5.61
N TRP A 148 -4.03 -31.45 6.45
CA TRP A 148 -5.44 -31.74 6.42
C TRP A 148 -6.18 -30.59 7.06
N SER A 149 -7.48 -30.50 6.81
CA SER A 149 -8.25 -29.50 7.51
C SER A 149 -9.75 -29.59 7.33
N GLU A 150 -10.43 -28.71 8.04
CA GLU A 150 -11.81 -28.37 7.78
C GLU A 150 -12.71 -29.58 7.84
N LYS A 151 -12.71 -30.29 8.96
CA LYS A 151 -13.70 -31.35 9.12
C LYS A 151 -15.11 -30.78 9.20
N VAL A 152 -16.09 -31.55 8.74
CA VAL A 152 -17.49 -31.13 8.74
C VAL A 152 -18.38 -32.08 9.53
N ILE A 153 -19.52 -31.57 9.95
CA ILE A 153 -20.49 -32.36 10.71
C ILE A 153 -21.91 -32.17 10.17
N LEU A 154 -22.56 -33.30 9.86
CA LEU A 154 -23.86 -33.31 9.20
C LEU A 154 -24.81 -34.28 9.88
N ARG A 155 -26.09 -33.91 9.95
CA ARG A 155 -27.11 -34.75 10.56
C ARG A 155 -27.98 -35.41 9.49
N THR A 156 -27.90 -36.73 9.37
CA THR A 156 -28.70 -37.43 8.38
C THR A 156 -30.18 -37.07 8.56
N HIS A 157 -30.90 -37.03 7.44
CA HIS A 157 -32.31 -36.66 7.40
C HIS A 157 -33.25 -37.64 8.04
N LYS A 158 -34.37 -37.15 8.57
CA LYS A 158 -35.35 -38.06 9.10
C LYS A 158 -36.26 -38.60 7.96
N MET A 159 -37.11 -39.56 8.29
CA MET A 159 -38.00 -40.17 7.31
C MET A 159 -38.86 -39.11 6.63
N THR A 160 -39.32 -38.14 7.41
CA THR A 160 -40.29 -37.15 6.92
C THR A 160 -39.69 -36.07 6.04
N ASP A 161 -38.36 -35.99 6.01
CA ASP A 161 -37.64 -34.98 5.24
C ASP A 161 -37.25 -35.60 3.93
N MET A 162 -37.78 -35.06 2.85
CA MET A 162 -37.51 -35.62 1.52
C MET A 162 -36.51 -34.84 0.67
N SER A 163 -35.90 -33.81 1.25
CA SER A 163 -35.01 -32.90 0.53
C SER A 163 -33.81 -33.55 -0.15
N GLY A 164 -33.44 -34.75 0.29
CA GLY A 164 -32.24 -35.41 -0.20
C GLY A 164 -32.49 -36.39 -1.34
N ILE A 165 -33.74 -36.58 -1.70
CA ILE A 165 -34.04 -37.48 -2.78
C ILE A 165 -33.67 -36.83 -4.08
N THR A 166 -32.77 -37.45 -4.82
CA THR A 166 -32.42 -36.94 -6.11
C THR A 166 -32.73 -38.02 -7.12
N VAL A 167 -33.67 -37.72 -7.99
CA VAL A 167 -34.16 -38.64 -9.00
C VAL A 167 -33.47 -38.42 -10.34
N CYS A 168 -33.04 -39.50 -10.95
CA CYS A 168 -32.71 -39.45 -12.37
C CYS A 168 -33.86 -40.10 -13.13
N LEU A 169 -34.40 -39.37 -14.10
CA LEU A 169 -35.54 -39.83 -14.89
C LEU A 169 -35.12 -40.58 -16.14
N GLY A 170 -35.75 -41.74 -16.35
CA GLY A 170 -35.57 -42.53 -17.55
C GLY A 170 -36.79 -42.50 -18.46
N PRO A 171 -36.88 -43.46 -19.38
CA PRO A 171 -37.97 -43.57 -20.36
C PRO A 171 -39.35 -43.62 -19.70
N LEU A 172 -40.27 -42.81 -20.21
CA LEU A 172 -41.67 -42.88 -19.81
C LEU A 172 -42.50 -43.47 -20.94
N ASP A 173 -43.45 -44.31 -20.58
CA ASP A 173 -44.34 -44.90 -21.57
C ASP A 173 -45.48 -43.93 -21.81
N PRO A 174 -45.55 -43.36 -23.02
CA PRO A 174 -46.60 -42.44 -23.44
C PRO A 174 -48.01 -42.96 -23.14
N LEU A 175 -48.23 -44.25 -23.32
CA LEU A 175 -49.51 -44.89 -23.07
C LEU A 175 -49.91 -44.81 -21.60
N LYS A 176 -48.92 -44.92 -20.71
CA LYS A 176 -49.17 -44.85 -19.28
C LYS A 176 -49.59 -43.46 -18.82
N GLU A 177 -49.41 -42.49 -19.69
CA GLU A 177 -49.80 -41.11 -19.46
C GLU A 177 -49.25 -40.37 -18.25
N ILE A 178 -48.01 -40.61 -17.90
CA ILE A 178 -47.41 -39.88 -16.80
C ILE A 178 -46.28 -39.11 -17.45
N SER A 179 -46.22 -37.82 -17.18
CA SER A 179 -45.22 -36.96 -17.80
C SER A 179 -44.12 -36.49 -16.88
N ASP A 180 -43.02 -36.12 -17.48
CA ASP A 180 -41.85 -35.62 -16.78
C ASP A 180 -42.26 -34.37 -16.02
N LEU A 181 -43.15 -33.59 -16.62
CA LEU A 181 -43.61 -32.37 -15.98
C LEU A 181 -44.31 -32.67 -14.66
N GLN A 182 -45.14 -33.71 -14.64
CA GLN A 182 -45.85 -34.09 -13.43
C GLN A 182 -44.91 -34.55 -12.33
N ILE A 183 -43.90 -35.30 -12.72
CA ILE A 183 -42.92 -35.81 -11.77
C ILE A 183 -42.14 -34.66 -11.14
N SER A 184 -41.76 -33.70 -11.97
CA SER A 184 -41.00 -32.54 -11.51
C SER A 184 -41.81 -31.66 -10.57
N GLN A 185 -43.08 -31.46 -10.89
CA GLN A 185 -43.90 -30.64 -10.02
C GLN A 185 -44.00 -31.33 -8.68
N CYS A 186 -44.18 -32.63 -8.71
CA CYS A 186 -44.28 -33.42 -7.48
C CYS A 186 -43.00 -33.33 -6.69
N LEU A 187 -41.87 -33.43 -7.39
CA LEU A 187 -40.59 -33.36 -6.72
C LEU A 187 -40.45 -32.00 -6.04
N SER A 188 -40.95 -30.96 -6.71
CA SER A 188 -40.89 -29.62 -6.17
C SER A 188 -41.72 -29.49 -4.89
N HIS A 189 -42.88 -30.12 -4.88
CA HIS A 189 -43.76 -30.06 -3.72
C HIS A 189 -43.11 -30.65 -2.50
N ILE A 190 -42.35 -31.72 -2.69
CA ILE A 190 -41.73 -32.41 -1.55
C ILE A 190 -40.36 -31.85 -1.19
N GLY A 191 -39.89 -30.87 -1.96
CA GLY A 191 -38.61 -30.24 -1.71
C GLY A 191 -37.40 -31.08 -2.03
N ALA A 192 -37.54 -31.98 -3.00
CA ALA A 192 -36.39 -32.77 -3.44
C ALA A 192 -35.55 -31.98 -4.42
N ARG A 193 -34.30 -32.43 -4.62
CA ARG A 193 -33.37 -31.80 -5.55
C ARG A 193 -33.94 -31.93 -6.97
N PRO A 194 -33.68 -30.96 -7.83
CA PRO A 194 -34.24 -31.03 -9.18
C PRO A 194 -33.86 -32.32 -9.93
N LEU A 195 -34.64 -32.63 -10.95
CA LEU A 195 -34.58 -33.90 -11.67
C LEU A 195 -33.40 -34.01 -12.64
N GLN A 196 -32.54 -35.01 -12.46
CA GLN A 196 -31.41 -35.28 -13.34
C GLN A 196 -31.84 -36.09 -14.55
N ARG A 197 -31.20 -35.88 -15.69
CA ARG A 197 -31.39 -36.77 -16.82
C ARG A 197 -30.26 -37.78 -16.93
N HIS A 198 -29.31 -37.67 -16.00
CA HIS A 198 -28.11 -38.52 -16.04
C HIS A 198 -27.73 -39.10 -14.66
N VAL A 199 -27.23 -40.32 -14.66
CA VAL A 199 -26.90 -41.00 -13.40
C VAL A 199 -25.52 -40.62 -12.92
N ALA A 200 -25.47 -40.06 -11.71
CA ALA A 200 -24.23 -39.68 -11.03
C ALA A 200 -24.06 -40.43 -9.71
N ILE A 201 -22.99 -40.12 -8.99
CA ILE A 201 -22.74 -40.73 -7.69
C ILE A 201 -23.85 -40.39 -6.71
N ASP A 202 -24.40 -39.18 -6.86
CA ASP A 202 -25.35 -38.65 -5.89
C ASP A 202 -26.81 -38.98 -6.21
N THR A 203 -27.06 -39.72 -7.29
CA THR A 203 -28.42 -40.15 -7.63
C THR A 203 -28.94 -41.18 -6.63
N THR A 204 -30.07 -40.89 -6.00
CA THR A 204 -30.74 -41.81 -5.08
C THR A 204 -31.69 -42.83 -5.76
N HIS A 205 -32.41 -42.39 -6.79
CA HIS A 205 -33.46 -43.20 -7.41
C HIS A 205 -33.55 -42.99 -8.92
N PHE A 206 -33.68 -44.08 -9.67
CA PHE A 206 -33.93 -44.02 -11.11
C PHE A 206 -35.42 -44.31 -11.41
N VAL A 207 -36.14 -43.29 -11.87
CA VAL A 207 -37.58 -43.43 -12.14
C VAL A 207 -37.87 -43.81 -13.59
N CYS A 208 -38.71 -44.84 -13.79
CA CYS A 208 -38.91 -45.44 -15.12
C CYS A 208 -40.24 -46.23 -15.28
N ASN A 209 -40.74 -46.20 -16.51
CA ASN A 209 -42.01 -46.77 -16.92
C ASN A 209 -41.82 -47.77 -18.03
N ASP A 210 -40.84 -47.50 -18.87
CA ASP A 210 -40.65 -48.25 -20.10
C ASP A 210 -39.34 -49.01 -20.10
N LEU A 211 -39.40 -50.30 -19.87
CA LEU A 211 -38.24 -51.17 -20.01
C LEU A 211 -37.77 -51.32 -21.44
N ASP A 212 -38.71 -51.42 -22.37
CA ASP A 212 -38.41 -51.79 -23.73
C ASP A 212 -37.46 -50.77 -24.29
N ASN A 213 -36.42 -51.26 -24.97
CA ASN A 213 -35.32 -50.41 -25.37
C ASN A 213 -34.40 -50.22 -24.19
N GLU A 214 -34.66 -50.96 -23.12
CA GLU A 214 -33.92 -50.83 -21.88
C GLU A 214 -32.45 -51.16 -22.06
N GLU A 215 -32.17 -52.23 -22.78
CA GLU A 215 -30.80 -52.61 -23.06
C GLU A 215 -30.20 -51.56 -23.97
N SER A 216 -28.97 -51.18 -23.70
CA SER A 216 -28.34 -50.13 -24.48
C SER A 216 -28.73 -48.76 -23.93
N ASN A 217 -29.52 -48.78 -22.86
CA ASN A 217 -29.81 -47.57 -22.13
C ASN A 217 -28.67 -47.49 -21.14
N GLU A 218 -27.80 -46.50 -21.34
CA GLU A 218 -26.61 -46.40 -20.52
C GLU A 218 -26.98 -46.05 -19.08
N GLU A 219 -27.98 -45.19 -18.93
CA GLU A 219 -28.40 -44.76 -17.61
C GLU A 219 -28.93 -45.92 -16.79
N LEU A 220 -29.70 -46.80 -17.42
CA LEU A 220 -30.26 -47.93 -16.69
C LEU A 220 -29.14 -48.87 -16.23
N ILE A 221 -28.14 -49.08 -17.08
CA ILE A 221 -27.05 -49.96 -16.73
C ILE A 221 -26.17 -49.38 -15.63
N ARG A 222 -25.99 -48.06 -15.67
CA ARG A 222 -25.28 -47.39 -14.59
C ARG A 222 -26.08 -47.49 -13.30
N ALA A 223 -27.38 -47.24 -13.38
CA ALA A 223 -28.25 -47.33 -12.22
C ALA A 223 -28.10 -48.68 -11.53
N LYS A 224 -28.14 -49.75 -12.32
CA LYS A 224 -27.94 -51.11 -11.81
C LYS A 224 -26.55 -51.29 -11.19
N HIS A 225 -25.51 -50.85 -11.90
CA HIS A 225 -24.15 -50.92 -11.39
C HIS A 225 -24.02 -50.20 -10.04
N ASN A 226 -24.60 -49.01 -9.93
CA ASN A 226 -24.59 -48.24 -8.69
C ASN A 226 -25.53 -48.82 -7.64
N ASN A 227 -26.29 -49.84 -8.01
CA ASN A 227 -27.27 -50.44 -7.09
C ASN A 227 -28.32 -49.45 -6.60
N ILE A 228 -28.79 -48.59 -7.51
CA ILE A 228 -29.85 -47.63 -7.22
C ILE A 228 -31.18 -48.30 -7.48
N PRO A 229 -32.18 -48.02 -6.64
CA PRO A 229 -33.52 -48.57 -6.84
C PRO A 229 -34.14 -48.04 -8.13
N ILE A 230 -34.71 -48.95 -8.92
CA ILE A 230 -35.36 -48.57 -10.16
C ILE A 230 -36.86 -48.64 -9.94
N VAL A 231 -37.51 -47.49 -9.93
CA VAL A 231 -38.91 -47.45 -9.53
C VAL A 231 -39.83 -46.72 -10.49
N ARG A 232 -41.09 -47.12 -10.44
CA ARG A 232 -42.12 -46.45 -11.20
C ARG A 232 -42.34 -45.05 -10.65
N PRO A 233 -42.81 -44.12 -11.50
CA PRO A 233 -43.07 -42.75 -11.08
C PRO A 233 -43.99 -42.67 -9.87
N GLU A 234 -44.97 -43.58 -9.77
CA GLU A 234 -45.91 -43.56 -8.65
C GLU A 234 -45.22 -43.60 -7.27
N TRP A 235 -44.00 -44.14 -7.22
CA TRP A 235 -43.22 -44.08 -6.00
C TRP A 235 -43.03 -42.62 -5.51
N VAL A 236 -42.63 -41.72 -6.40
CA VAL A 236 -42.48 -40.31 -6.02
C VAL A 236 -43.81 -39.76 -5.52
N ARG A 237 -44.87 -39.96 -6.29
CA ARG A 237 -46.19 -39.54 -5.85
C ARG A 237 -46.54 -40.03 -4.43
N ALA A 238 -46.26 -41.29 -4.16
CA ALA A 238 -46.56 -41.88 -2.86
C ALA A 238 -45.74 -41.21 -1.74
N CYS A 239 -44.47 -40.92 -2.03
CA CYS A 239 -43.65 -40.15 -1.09
C CYS A 239 -44.35 -38.82 -0.77
N GLU A 240 -44.84 -38.13 -1.79
CA GLU A 240 -45.53 -36.87 -1.56
C GLU A 240 -46.81 -37.00 -0.77
N VAL A 241 -47.59 -38.03 -1.08
CA VAL A 241 -48.89 -38.25 -0.45
C VAL A 241 -48.79 -38.79 1.00
N GLU A 242 -47.81 -39.63 1.25
CA GLU A 242 -47.59 -40.16 2.61
C GLU A 242 -46.64 -39.26 3.40
N LYS A 243 -46.25 -38.13 2.80
CA LYS A 243 -45.41 -37.12 3.48
C LYS A 243 -44.16 -37.67 4.17
N ARG A 244 -43.41 -38.49 3.46
CA ARG A 244 -42.22 -39.13 4.00
C ARG A 244 -41.72 -40.04 2.89
N ILE A 245 -40.47 -40.46 2.97
CA ILE A 245 -39.98 -41.34 1.96
C ILE A 245 -40.57 -42.70 2.31
N VAL A 246 -41.01 -43.45 1.30
CA VAL A 246 -41.66 -44.73 1.55
C VAL A 246 -40.86 -45.87 0.92
N GLY A 247 -41.30 -47.11 1.14
CA GLY A 247 -40.62 -48.29 0.60
C GLY A 247 -40.57 -48.29 -0.93
N VAL A 248 -39.48 -48.79 -1.52
CA VAL A 248 -39.41 -48.86 -2.97
C VAL A 248 -39.78 -50.20 -3.60
N ARG A 249 -39.83 -51.29 -2.84
CA ARG A 249 -40.00 -52.61 -3.47
C ARG A 249 -41.37 -52.74 -4.11
N GLY A 250 -42.35 -52.06 -3.52
CA GLY A 250 -43.69 -52.07 -4.06
C GLY A 250 -43.80 -51.37 -5.38
N PHE A 251 -42.79 -50.60 -5.74
CA PHE A 251 -42.79 -49.90 -7.01
C PHE A 251 -41.80 -50.39 -8.05
N TYR A 252 -41.13 -51.50 -7.79
CA TYR A 252 -40.23 -52.08 -8.80
C TYR A 252 -41.01 -52.37 -10.07
N LEU A 253 -40.35 -52.33 -11.22
CA LEU A 253 -41.04 -52.48 -12.50
C LEU A 253 -41.71 -53.84 -12.68
N ASP A 254 -41.30 -54.82 -11.89
CA ASP A 254 -41.98 -56.13 -11.85
C ASP A 254 -42.94 -56.35 -10.67
N ALA A 255 -43.18 -55.32 -9.86
CA ALA A 255 -44.06 -55.47 -8.70
C ALA A 255 -45.51 -55.54 -9.11
N ASP A 256 -46.35 -56.07 -8.23
CA ASP A 256 -47.79 -56.12 -8.49
C ASP A 256 -48.29 -54.69 -8.63
N GLN A 257 -49.08 -54.44 -9.68
CA GLN A 257 -49.49 -53.08 -10.05
C GLN A 257 -50.75 -52.56 -9.36
N SER A 258 -51.34 -53.38 -8.50
CA SER A 258 -52.55 -52.96 -7.79
C SER A 258 -52.34 -51.66 -6.99
N ILE A 259 -51.13 -51.43 -6.51
CA ILE A 259 -50.91 -50.28 -5.62
C ILE A 259 -50.82 -48.95 -6.40
N LEU A 260 -50.56 -49.02 -7.70
CA LEU A 260 -50.41 -47.81 -8.50
C LEU A 260 -51.71 -47.01 -8.61
N LYS A 261 -52.85 -47.69 -8.58
CA LYS A 261 -54.14 -47.00 -8.67
C LYS A 261 -54.30 -45.94 -7.58
N SER A 262 -53.64 -46.19 -6.46
CA SER A 262 -53.79 -45.35 -5.29
C SER A 262 -52.84 -44.18 -5.28
N TYR A 263 -51.91 -44.14 -6.23
CA TYR A 263 -50.98 -43.03 -6.29
C TYR A 263 -50.86 -42.48 -7.70
N THR A 264 -51.98 -42.06 -8.23
CA THR A 264 -52.02 -41.42 -9.53
C THR A 264 -51.62 -39.97 -9.40
N PHE A 265 -50.92 -39.47 -10.42
CA PHE A 265 -50.54 -38.05 -10.44
C PHE A 265 -51.73 -37.14 -10.78
N PRO A 266 -51.83 -36.01 -10.05
CA PRO A 266 -52.77 -34.97 -10.47
C PRO A 266 -52.31 -34.35 -11.78
N PRO A 267 -53.23 -33.70 -12.50
CA PRO A 267 -52.91 -33.03 -13.77
C PRO A 267 -51.96 -31.86 -13.53
N VAL A 268 -51.19 -31.48 -14.54
CA VAL A 268 -50.17 -30.44 -14.40
C VAL A 268 -50.79 -29.12 -13.96
N ASN A 269 -50.16 -28.48 -12.98
CA ASN A 269 -50.63 -27.21 -12.44
C ASN A 269 -49.96 -26.04 -13.17
N GLU A 270 -50.76 -25.28 -13.93
CA GLU A 270 -50.20 -24.23 -14.77
C GLU A 270 -49.61 -23.05 -14.01
N GLU A 271 -50.24 -22.65 -12.91
CA GLU A 271 -49.70 -21.56 -12.09
C GLU A 271 -48.22 -21.81 -11.79
N GLU A 272 -47.94 -23.00 -11.25
CA GLU A 272 -46.57 -23.40 -10.93
C GLU A 272 -45.72 -23.52 -12.19
N LEU A 273 -46.33 -23.99 -13.26
CA LEU A 273 -45.63 -24.14 -14.52
C LEU A 273 -45.31 -22.77 -15.08
N SER A 274 -46.32 -21.90 -15.11
CA SER A 274 -46.13 -20.54 -15.63
C SER A 274 -45.15 -19.75 -14.78
N TYR A 275 -45.24 -19.92 -13.47
CA TYR A 275 -44.36 -19.19 -12.57
C TYR A 275 -42.90 -19.49 -12.82
N SER A 276 -42.60 -20.75 -13.08
CA SER A 276 -41.22 -21.15 -13.32
C SER A 276 -41.03 -21.58 -14.77
N GLY B 31 -8.28 15.25 -25.14
CA GLY B 31 -6.85 15.22 -25.34
C GLY B 31 -6.06 15.38 -24.06
N TYR B 32 -4.89 14.74 -24.00
CA TYR B 32 -3.98 14.89 -22.86
C TYR B 32 -3.31 16.26 -22.95
N GLN B 33 -3.13 16.74 -24.18
CA GLN B 33 -2.66 18.09 -24.44
C GLN B 33 -3.64 19.10 -23.87
N PHE B 34 -4.93 18.77 -23.94
CA PHE B 34 -5.99 19.63 -23.43
C PHE B 34 -5.73 20.03 -21.96
N LEU B 35 -5.57 19.02 -21.12
CA LEU B 35 -5.30 19.22 -19.71
C LEU B 35 -4.04 20.06 -19.46
N ASN B 36 -2.89 19.62 -19.99
CA ASN B 36 -1.67 20.40 -19.88
C ASN B 36 -1.88 21.88 -20.27
N ARG B 37 -2.56 22.12 -21.39
CA ARG B 37 -2.78 23.48 -21.84
C ARG B 37 -3.48 24.29 -20.74
N ASP B 38 -4.51 23.69 -20.16
CA ASP B 38 -5.29 24.37 -19.13
C ASP B 38 -4.48 24.66 -17.88
N ILE B 39 -3.60 23.74 -17.52
CA ILE B 39 -2.78 23.96 -16.35
C ILE B 39 -1.82 25.10 -16.59
N PHE B 40 -1.10 25.06 -17.72
CA PHE B 40 -0.11 26.07 -18.02
C PHE B 40 -0.70 27.47 -17.99
N LYS B 41 -1.99 27.58 -18.29
CA LYS B 41 -2.65 28.88 -18.30
C LYS B 41 -3.23 29.27 -16.94
N SER B 42 -3.26 28.28 -16.06
CA SER B 42 -3.89 28.38 -14.73
C SER B 42 -2.99 28.60 -13.51
N CYS B 43 -1.71 28.87 -13.75
CA CYS B 43 -0.74 29.10 -12.67
C CYS B 43 -0.95 30.37 -11.84
N PRO B 44 -0.59 30.31 -10.55
CA PRO B 44 -0.57 31.48 -9.65
C PRO B 44 0.56 32.45 -10.02
N ARG B 45 0.66 33.57 -9.31
CA ARG B 45 1.73 34.53 -9.55
C ARG B 45 2.19 35.04 -8.22
N ILE B 46 3.49 34.92 -7.96
CA ILE B 46 4.10 35.52 -6.76
C ILE B 46 4.85 36.79 -7.15
N MET B 47 4.63 37.85 -6.38
CA MET B 47 5.26 39.12 -6.70
C MET B 47 6.62 39.22 -6.05
N GLU B 48 7.64 39.37 -6.88
CA GLU B 48 9.01 39.53 -6.40
C GLU B 48 9.10 40.84 -5.61
N ARG B 49 9.77 40.78 -4.45
CA ARG B 49 10.01 41.98 -3.64
C ARG B 49 10.94 42.95 -4.38
N GLN B 50 12.09 42.43 -4.78
CA GLN B 50 13.12 43.24 -5.40
C GLN B 50 13.54 42.52 -6.65
N PHE B 51 13.59 43.21 -7.79
CA PHE B 51 13.94 42.50 -9.00
C PHE B 51 15.27 41.79 -8.84
N GLY B 52 15.32 40.55 -9.27
CA GLY B 52 16.52 39.73 -9.12
C GLY B 52 16.59 38.88 -7.86
N GLU B 53 15.88 39.28 -6.80
CA GLU B 53 15.95 38.57 -5.51
C GLU B 53 15.67 37.07 -5.70
N CYS B 54 14.64 36.79 -6.48
CA CYS B 54 14.18 35.42 -6.64
C CYS B 54 15.31 34.47 -7.09
N LEU B 55 16.02 34.83 -8.17
CA LEU B 55 17.12 34.01 -8.69
C LEU B 55 18.40 34.11 -7.85
N HIS B 56 18.63 35.26 -7.23
CA HIS B 56 19.80 35.41 -6.38
C HIS B 56 19.65 34.50 -5.16
N ASN B 57 18.46 34.49 -4.58
CA ASN B 57 18.22 33.59 -3.45
C ASN B 57 18.30 32.11 -3.84
N ARG B 58 17.82 31.78 -5.03
CA ARG B 58 17.91 30.40 -5.49
C ARG B 58 19.37 29.97 -5.49
N THR B 59 20.22 30.79 -6.12
CA THR B 59 21.64 30.47 -6.21
C THR B 59 22.26 30.37 -4.83
N HIS B 60 21.92 31.29 -3.95
CA HIS B 60 22.43 31.26 -2.59
C HIS B 60 22.06 29.94 -1.91
N LEU B 61 20.78 29.58 -1.94
CA LEU B 61 20.31 28.37 -1.31
C LEU B 61 21.03 27.11 -1.85
N ILE B 62 21.30 27.10 -3.14
CA ILE B 62 22.02 25.99 -3.73
C ILE B 62 23.45 25.97 -3.21
N LYS B 63 24.08 27.15 -3.17
CA LYS B 63 25.43 27.33 -2.66
C LYS B 63 25.58 26.76 -1.26
N ASP B 64 24.65 27.11 -0.37
CA ASP B 64 24.57 26.51 0.96
C ASP B 64 24.45 25.00 0.93
N LEU B 65 23.41 24.49 0.27
CA LEU B 65 23.20 23.04 0.24
C LEU B 65 24.49 22.34 -0.13
N ILE B 66 25.17 22.85 -1.15
CA ILE B 66 26.39 22.20 -1.60
C ILE B 66 27.49 22.25 -0.55
N SER B 67 27.61 23.37 0.13
CA SER B 67 28.70 23.53 1.09
C SER B 67 28.42 22.62 2.29
N SER B 68 27.17 22.64 2.77
CA SER B 68 26.73 21.68 3.78
C SER B 68 26.79 20.29 3.16
N GLY B 69 26.68 19.26 3.98
CA GLY B 69 26.85 17.92 3.48
C GLY B 69 25.89 17.38 2.44
N ASN B 70 24.61 17.61 2.63
CA ASN B 70 23.67 17.05 1.67
C ASN B 70 22.78 18.04 0.93
N VAL B 71 22.92 18.02 -0.38
CA VAL B 71 22.06 18.75 -1.28
C VAL B 71 20.67 18.14 -1.23
N GLY B 72 20.64 16.82 -1.17
CA GLY B 72 19.41 16.07 -1.24
C GLY B 72 18.85 16.26 -2.63
N LEU B 73 17.59 16.69 -2.68
CA LEU B 73 16.87 16.87 -3.94
C LEU B 73 17.07 18.24 -4.55
N GLY B 74 17.68 19.13 -3.77
CA GLY B 74 17.81 20.52 -4.17
C GLY B 74 16.46 21.19 -4.17
N PRO B 75 16.40 22.43 -4.64
CA PRO B 75 15.14 23.17 -4.67
C PRO B 75 14.18 22.73 -5.80
N ILE B 76 12.88 22.91 -5.59
CA ILE B 76 11.86 22.66 -6.59
C ILE B 76 12.04 23.60 -7.79
N GLU B 77 11.59 23.19 -8.99
CA GLU B 77 11.66 24.07 -10.17
C GLU B 77 10.87 25.39 -10.07
N ILE B 78 11.40 26.41 -10.74
CA ILE B 78 10.82 27.75 -10.67
C ILE B 78 10.61 28.30 -12.08
N VAL B 79 9.55 29.08 -12.27
CA VAL B 79 9.38 29.86 -13.51
C VAL B 79 9.37 31.32 -13.10
N HIS B 80 10.24 32.09 -13.75
CA HIS B 80 10.37 33.49 -13.41
C HIS B 80 10.01 34.34 -14.60
N MET B 81 9.25 35.39 -14.35
CA MET B 81 8.85 36.31 -15.40
C MET B 81 9.36 37.70 -15.12
N SER B 82 10.02 38.28 -16.12
CA SER B 82 10.50 39.66 -16.05
C SER B 82 9.65 40.60 -16.92
N TYR B 83 9.12 41.62 -16.27
CA TYR B 83 8.23 42.58 -16.91
C TYR B 83 8.76 44.02 -16.77
N LEU B 84 8.43 44.86 -17.74
CA LEU B 84 8.73 46.30 -17.63
C LEU B 84 7.48 47.19 -17.53
N ASN B 85 7.36 47.87 -16.41
CA ASN B 85 6.38 48.95 -16.28
C ASN B 85 6.95 50.13 -17.07
N LYS B 86 6.20 50.59 -18.07
CA LYS B 86 6.70 51.62 -18.98
C LYS B 86 6.79 52.99 -18.30
N HIS B 87 5.69 53.41 -17.66
CA HIS B 87 5.65 54.69 -16.96
C HIS B 87 6.88 54.90 -16.08
N GLU B 88 6.99 54.13 -14.99
CA GLU B 88 8.23 54.11 -14.21
C GLU B 88 9.27 53.41 -15.05
N LYS B 89 10.53 53.58 -14.70
CA LYS B 89 11.57 52.90 -15.44
C LYS B 89 11.79 51.52 -14.86
N GLU B 90 10.90 51.13 -13.95
CA GLU B 90 11.13 49.93 -13.14
C GLU B 90 10.72 48.59 -13.77
N GLU B 91 11.68 47.67 -13.79
CA GLU B 91 11.46 46.26 -14.10
C GLU B 91 10.96 45.59 -12.82
N PHE B 92 9.98 44.69 -12.95
CA PHE B 92 9.51 43.93 -11.79
C PHE B 92 9.38 42.46 -12.18
N GLY B 93 9.54 41.57 -11.20
CA GLY B 93 9.31 40.16 -11.45
C GLY B 93 8.08 39.48 -10.86
N GLU B 94 7.81 38.31 -11.41
CA GLU B 94 6.79 37.43 -10.89
C GLU B 94 7.34 36.04 -11.08
N TYR B 95 6.94 35.12 -10.21
CA TYR B 95 7.40 33.73 -10.31
C TYR B 95 6.41 32.77 -9.66
N PHE B 96 6.58 31.48 -9.93
CA PHE B 96 5.86 30.43 -9.23
C PHE B 96 6.65 29.13 -9.24
N TYR B 97 6.31 28.23 -8.34
CA TYR B 97 6.95 26.94 -8.24
C TYR B 97 6.15 25.87 -9.02
N VAL B 98 6.87 24.93 -9.64
CA VAL B 98 6.22 23.85 -10.38
C VAL B 98 7.05 22.58 -10.41
N THR B 99 6.37 21.42 -10.37
CA THR B 99 7.03 20.13 -10.54
C THR B 99 6.33 19.38 -11.67
N GLY B 100 7.01 18.41 -12.28
CA GLY B 100 6.36 17.54 -13.26
C GLY B 100 6.46 17.90 -14.73
N ILE B 101 7.11 19.02 -15.05
CA ILE B 101 7.49 19.27 -16.43
C ILE B 101 8.65 18.32 -16.74
N GLU B 102 8.66 17.75 -17.94
CA GLU B 102 9.60 16.67 -18.26
C GLU B 102 11.10 17.00 -18.19
N VAL B 103 11.58 17.97 -18.97
CA VAL B 103 13.04 18.28 -19.07
C VAL B 103 13.96 17.12 -19.49
N SER B 104 13.49 16.26 -20.37
CA SER B 104 14.36 15.29 -21.02
C SER B 104 15.24 16.03 -22.00
N GLY B 105 14.95 17.31 -22.17
CA GLY B 105 15.70 18.24 -23.00
C GLY B 105 14.89 19.52 -23.03
N PRO B 106 15.32 20.51 -23.81
CA PRO B 106 14.67 21.81 -23.69
C PRO B 106 13.23 21.88 -24.23
N ALA B 107 12.84 20.91 -25.04
CA ALA B 107 11.55 20.96 -25.75
C ALA B 107 10.31 21.28 -24.89
N MET B 108 10.10 20.49 -23.84
CA MET B 108 8.90 20.66 -23.01
C MET B 108 8.89 21.96 -22.20
N PRO B 109 10.03 22.29 -21.57
CA PRO B 109 10.06 23.56 -20.85
C PRO B 109 9.84 24.74 -21.79
N VAL B 110 10.42 24.67 -22.99
CA VAL B 110 10.22 25.74 -23.96
C VAL B 110 8.75 25.89 -24.40
N GLU B 111 8.08 24.78 -24.69
CA GLU B 111 6.65 24.88 -25.05
C GLU B 111 5.88 25.58 -23.95
N PHE B 112 6.11 25.14 -22.71
CA PHE B 112 5.51 25.77 -21.55
C PHE B 112 5.75 27.30 -21.52
N LEU B 113 7.00 27.73 -21.60
CA LEU B 113 7.30 29.17 -21.67
C LEU B 113 6.56 29.84 -22.85
N GLU B 114 6.62 29.21 -24.02
CA GLU B 114 5.85 29.69 -25.17
C GLU B 114 4.35 29.86 -24.87
N VAL B 115 3.73 28.85 -24.26
CA VAL B 115 2.32 28.97 -23.91
C VAL B 115 2.09 30.12 -22.95
N LEU B 116 2.91 30.22 -21.91
CA LEU B 116 2.81 31.33 -20.96
C LEU B 116 2.81 32.69 -21.65
N LYS B 117 3.82 32.92 -22.48
CA LYS B 117 4.00 34.19 -23.15
C LYS B 117 2.89 34.48 -24.14
N SER B 118 2.44 33.45 -24.87
CA SER B 118 1.41 33.65 -25.89
C SER B 118 0.05 34.00 -25.26
N SER B 119 -0.17 33.51 -24.04
CA SER B 119 -1.43 33.62 -23.35
C SER B 119 -1.55 34.88 -22.50
N LYS B 120 -0.54 35.74 -22.53
CA LYS B 120 -0.56 36.93 -21.68
C LYS B 120 -1.71 37.91 -21.99
N ARG B 121 -2.23 38.54 -20.94
CA ARG B 121 -3.14 39.67 -21.10
C ARG B 121 -2.62 40.87 -20.30
N ILE B 122 -2.11 41.89 -20.98
CA ILE B 122 -1.42 42.92 -20.27
C ILE B 122 -1.89 44.34 -20.63
N SER B 123 -1.63 45.27 -19.72
CA SER B 123 -1.93 46.70 -19.88
C SER B 123 -1.07 47.33 -20.96
N LYS B 124 -1.52 48.49 -21.42
CA LYS B 124 -0.73 49.30 -22.33
C LYS B 124 0.50 49.76 -21.59
N ASN B 125 0.36 49.96 -20.27
CA ASN B 125 1.46 50.39 -19.42
C ASN B 125 2.57 49.34 -19.21
N ILE B 126 2.25 48.07 -19.44
CA ILE B 126 3.25 47.02 -19.38
C ILE B 126 3.85 46.84 -20.76
N SER B 127 5.18 46.75 -20.83
CA SER B 127 5.85 46.52 -22.09
C SER B 127 5.61 45.10 -22.61
N ASN B 128 5.65 44.94 -23.93
CA ASN B 128 5.55 43.63 -24.58
C ASN B 128 6.88 42.88 -24.58
N ASN B 129 7.98 43.57 -24.23
CA ASN B 129 9.22 42.87 -23.97
C ASN B 129 9.13 42.15 -22.64
N ILE B 130 9.30 40.84 -22.69
CA ILE B 130 9.13 40.00 -21.52
C ILE B 130 10.18 38.91 -21.56
N ILE B 131 10.83 38.66 -20.42
CA ILE B 131 11.79 37.59 -20.35
C ILE B 131 11.29 36.50 -19.42
N LEU B 132 11.33 35.26 -19.89
CA LEU B 132 10.90 34.12 -19.07
C LEU B 132 12.05 33.17 -18.82
N THR B 133 12.17 32.73 -17.58
CA THR B 133 13.20 31.77 -17.22
C THR B 133 12.58 30.57 -16.48
N TYR B 134 12.99 29.38 -16.91
CA TYR B 134 12.64 28.13 -16.24
C TYR B 134 13.91 27.54 -15.61
N CYS B 135 13.85 27.20 -14.32
CA CYS B 135 15.02 26.61 -13.63
C CYS B 135 14.73 25.23 -13.06
N CYS B 136 15.56 24.27 -13.44
CA CYS B 136 15.46 22.91 -12.95
C CYS B 136 16.81 22.43 -12.44
N PHE B 137 16.85 21.96 -11.20
CA PHE B 137 18.10 21.59 -10.57
C PHE B 137 18.43 20.12 -10.74
N ASN B 138 19.65 19.90 -11.20
CA ASN B 138 20.20 18.58 -11.47
C ASN B 138 21.09 18.23 -10.29
N PHE B 139 20.66 17.27 -9.48
CA PHE B 139 21.40 16.96 -8.26
C PHE B 139 22.44 15.84 -8.45
N PHE B 140 22.53 15.31 -9.65
CA PHE B 140 23.63 14.40 -9.95
C PHE B 140 24.92 15.18 -10.17
N SER B 141 24.85 16.20 -11.00
CA SER B 141 26.00 17.06 -11.26
C SER B 141 26.07 18.31 -10.36
N ASN B 142 25.03 18.54 -9.58
CA ASN B 142 24.89 19.78 -8.81
C ASN B 142 24.91 21.05 -9.67
N LEU B 143 24.32 20.95 -10.86
CA LEU B 143 24.11 22.09 -11.76
C LEU B 143 22.66 22.56 -11.77
N ASP B 144 22.44 23.88 -11.79
CA ASP B 144 21.12 24.43 -12.00
C ASP B 144 20.98 24.73 -13.48
N ILE B 145 20.06 24.04 -14.14
CA ILE B 145 19.81 24.24 -15.57
C ILE B 145 18.79 25.36 -15.76
N ARG B 146 19.18 26.43 -16.42
CA ARG B 146 18.25 27.53 -16.60
C ARG B 146 17.93 27.76 -18.06
N ILE B 147 16.65 27.69 -18.38
CA ILE B 147 16.21 27.91 -19.75
C ILE B 147 15.54 29.27 -19.88
N ARG B 148 16.15 30.12 -20.69
CA ARG B 148 15.78 31.53 -20.78
C ARG B 148 15.15 31.82 -22.13
N TYR B 149 13.90 32.25 -22.12
CA TYR B 149 13.18 32.55 -23.34
C TYR B 149 13.17 34.07 -23.50
N ASP B 150 13.93 34.57 -24.48
CA ASP B 150 14.16 36.02 -24.68
C ASP B 150 12.99 36.81 -25.27
N ALA B 151 13.03 38.13 -25.13
CA ALA B 151 11.98 38.96 -25.72
C ALA B 151 11.90 38.77 -27.24
N ASP B 152 13.02 38.43 -27.87
CA ASP B 152 13.05 38.22 -29.32
C ASP B 152 12.54 36.81 -29.67
N ASP B 153 12.06 36.09 -28.65
CA ASP B 153 11.53 34.75 -28.82
C ASP B 153 12.57 33.69 -29.20
N THR B 154 13.80 33.91 -28.76
CA THR B 154 14.84 32.92 -28.91
C THR B 154 15.15 32.40 -27.52
N PHE B 155 15.75 31.23 -27.45
CA PHE B 155 15.99 30.63 -26.16
C PHE B 155 17.44 30.19 -26.01
N GLN B 156 17.99 30.35 -24.82
CA GLN B 156 19.31 29.86 -24.51
C GLN B 156 19.27 29.05 -23.21
N THR B 157 20.08 28.00 -23.14
CA THR B 157 20.18 27.17 -21.94
C THR B 157 21.55 27.35 -21.32
N THR B 158 21.62 27.48 -20.00
CA THR B 158 22.90 27.52 -19.30
C THR B 158 22.89 26.58 -18.13
N ALA B 159 24.02 25.92 -17.91
CA ALA B 159 24.20 25.10 -16.73
C ALA B 159 25.05 25.87 -15.73
N ILE B 160 24.44 26.30 -14.63
CA ILE B 160 25.13 27.11 -13.64
C ILE B 160 25.71 26.23 -12.54
N ASP B 161 27.01 26.31 -12.33
CA ASP B 161 27.62 25.72 -11.15
C ASP B 161 27.63 26.79 -10.07
N CYS B 162 26.84 26.62 -9.02
CA CYS B 162 26.66 27.71 -8.08
C CYS B 162 27.78 27.82 -7.08
N ASN B 163 28.62 26.79 -7.02
CA ASN B 163 29.76 26.79 -6.11
C ASN B 163 30.87 27.72 -6.61
N LYS B 164 31.15 27.63 -7.92
CA LYS B 164 32.04 28.56 -8.60
C LYS B 164 31.18 29.52 -9.41
N GLU B 165 31.04 30.74 -8.90
CA GLU B 165 29.95 31.62 -9.35
C GLU B 165 29.87 31.79 -10.86
N THR B 166 30.97 32.24 -11.46
CA THR B 166 31.01 32.57 -12.88
C THR B 166 30.73 31.37 -13.79
N THR B 167 30.97 30.17 -13.28
CA THR B 167 31.06 29.00 -14.16
C THR B 167 29.74 28.59 -14.82
N ASP B 168 29.77 28.56 -16.15
CA ASP B 168 28.68 28.06 -16.98
C ASP B 168 29.28 27.01 -17.90
N LEU B 169 28.58 25.89 -18.09
CA LEU B 169 29.05 24.82 -18.98
C LEU B 169 28.08 24.64 -20.13
N THR B 170 28.35 23.65 -20.98
CA THR B 170 27.45 23.31 -22.07
C THR B 170 26.85 21.94 -21.88
N MET B 171 25.66 21.73 -22.44
CA MET B 171 24.84 20.61 -22.05
C MET B 171 25.16 19.40 -22.89
N THR B 172 25.78 18.40 -22.26
CA THR B 172 25.92 17.06 -22.83
C THR B 172 24.59 16.30 -22.74
N GLU B 173 24.45 15.27 -23.57
CA GLU B 173 23.30 14.38 -23.44
C GLU B 173 23.18 13.83 -22.00
N LYS B 174 24.29 13.33 -21.45
CA LYS B 174 24.28 12.81 -20.10
C LYS B 174 23.69 13.82 -19.12
N MET B 175 24.06 15.10 -19.26
CA MET B 175 23.52 16.13 -18.36
C MET B 175 22.00 16.31 -18.49
N TRP B 176 21.50 16.22 -19.72
CA TRP B 176 20.07 16.24 -19.92
C TRP B 176 19.39 15.05 -19.24
N GLU B 177 19.92 13.85 -19.43
CA GLU B 177 19.33 12.68 -18.78
C GLU B 177 19.34 12.82 -17.25
N GLU B 178 20.42 13.33 -16.69
CA GLU B 178 20.51 13.55 -15.27
C GLU B 178 19.42 14.54 -14.81
N THR B 179 19.11 15.48 -15.69
CA THR B 179 18.23 16.57 -15.31
C THR B 179 16.81 16.02 -15.36
N PHE B 180 16.55 15.21 -16.38
CA PHE B 180 15.26 14.55 -16.58
C PHE B 180 14.98 13.72 -15.34
N ALA B 181 15.99 12.94 -14.94
CA ALA B 181 15.84 12.05 -13.81
C ALA B 181 15.63 12.82 -12.51
N SER B 182 16.32 13.94 -12.38
CA SER B 182 16.22 14.78 -11.19
C SER B 182 14.80 15.30 -11.05
N SER B 183 14.26 15.82 -12.15
CA SER B 183 12.91 16.40 -12.12
C SER B 183 11.82 15.36 -11.84
N VAL B 184 12.01 14.12 -12.31
CA VAL B 184 11.03 13.08 -12.11
C VAL B 184 11.05 12.55 -10.67
N ILE B 185 12.24 12.28 -10.16
CA ILE B 185 12.38 11.88 -8.78
C ILE B 185 11.79 12.94 -7.82
N ARG B 186 12.11 14.19 -8.09
CA ARG B 186 11.70 15.30 -7.22
C ARG B 186 10.19 15.43 -7.25
N ALA B 187 9.59 15.15 -8.40
CA ALA B 187 8.16 15.35 -8.56
C ALA B 187 7.39 14.26 -7.83
N ILE B 188 7.91 13.03 -7.88
CA ILE B 188 7.28 11.96 -7.14
C ILE B 188 7.41 12.17 -5.63
N ILE B 189 8.64 12.42 -5.17
CA ILE B 189 8.87 12.60 -3.75
C ILE B 189 8.04 13.74 -3.19
N THR B 190 8.07 14.90 -3.84
CA THR B 190 7.26 16.02 -3.41
C THR B 190 5.74 15.69 -3.38
N ASN B 191 5.20 15.13 -4.47
CA ASN B 191 3.75 14.89 -4.53
C ASN B 191 3.28 14.07 -3.35
N THR B 192 4.08 13.05 -2.99
CA THR B 192 3.73 12.09 -1.95
C THR B 192 4.01 12.52 -0.51
N ASN B 193 4.60 13.69 -0.32
CA ASN B 193 4.78 14.24 1.00
C ASN B 193 4.31 15.69 1.01
N PRO B 194 3.16 15.95 1.63
CA PRO B 194 2.57 17.27 1.71
C PRO B 194 3.38 18.25 2.53
N GLU B 195 4.16 17.72 3.46
CA GLU B 195 5.01 18.51 4.32
C GLU B 195 6.09 19.23 3.53
N LEU B 196 6.40 18.75 2.34
CA LEU B 196 7.41 19.37 1.50
C LEU B 196 6.87 20.40 0.51
N LYS B 197 5.55 20.47 0.38
CA LYS B 197 4.96 21.34 -0.63
C LYS B 197 4.75 22.76 -0.13
N PRO B 198 5.25 23.74 -0.88
CA PRO B 198 4.95 25.15 -0.56
C PRO B 198 3.55 25.51 -1.02
N PRO B 199 2.94 26.52 -0.43
CA PRO B 199 1.60 26.92 -0.87
C PRO B 199 1.62 27.41 -2.30
N GLY B 200 0.65 26.97 -3.09
CA GLY B 200 0.58 27.37 -4.48
C GLY B 200 1.49 26.62 -5.42
N LEU B 201 2.07 25.52 -4.98
CA LEU B 201 2.93 24.75 -5.85
C LEU B 201 2.14 24.11 -6.98
N VAL B 202 2.64 24.21 -8.20
CA VAL B 202 1.96 23.62 -9.32
C VAL B 202 2.59 22.28 -9.64
N GLU B 203 1.77 21.23 -9.58
CA GLU B 203 2.24 19.90 -9.85
C GLU B 203 1.55 19.40 -11.10
N CYS B 204 2.34 19.02 -12.09
CA CYS B 204 1.82 18.54 -13.35
C CYS B 204 1.82 17.03 -13.39
N PRO B 205 0.93 16.45 -14.18
CA PRO B 205 0.84 15.00 -14.29
C PRO B 205 1.89 14.47 -15.24
N PHE B 206 3.10 14.40 -14.75
CA PHE B 206 4.25 13.97 -15.52
C PHE B 206 4.01 12.61 -16.21
N TYR B 207 3.06 11.83 -15.68
CA TYR B 207 2.83 10.45 -16.14
C TYR B 207 1.94 10.35 -17.40
N VAL B 208 1.31 11.47 -17.74
CA VAL B 208 0.44 11.56 -18.89
C VAL B 208 1.25 11.79 -20.15
N GLY B 209 0.75 11.29 -21.28
CA GLY B 209 1.43 11.42 -22.57
C GLY B 209 0.62 10.89 -23.73
N LYS B 210 1.19 10.92 -24.93
CA LYS B 210 0.49 10.45 -26.13
C LYS B 210 0.10 8.98 -26.02
N ASP B 211 1.09 8.11 -25.81
CA ASP B 211 0.79 6.72 -25.45
C ASP B 211 1.06 6.51 -23.97
N THR B 212 -0.01 6.28 -23.21
CA THR B 212 0.09 6.13 -21.77
C THR B 212 1.13 5.10 -21.38
N ILE B 213 1.07 3.92 -21.99
CA ILE B 213 1.98 2.86 -21.63
C ILE B 213 3.42 3.21 -21.96
N SER B 214 3.62 3.93 -23.05
CA SER B 214 4.98 4.30 -23.37
C SER B 214 5.52 5.38 -22.42
N SER B 215 4.66 6.31 -21.97
CA SER B 215 5.08 7.32 -20.98
C SER B 215 5.59 6.69 -19.69
N CYS B 216 4.80 5.76 -19.18
CA CYS B 216 5.11 5.09 -17.95
C CYS B 216 6.40 4.29 -18.11
N LYS B 217 6.54 3.62 -19.24
CA LYS B 217 7.74 2.85 -19.44
C LYS B 217 8.98 3.74 -19.50
N LYS B 218 8.84 4.88 -20.18
CA LYS B 218 9.94 5.82 -20.30
C LYS B 218 10.41 6.20 -18.88
N ILE B 219 9.45 6.59 -18.05
CA ILE B 219 9.76 6.97 -16.68
C ILE B 219 10.39 5.83 -15.88
N ILE B 220 9.83 4.64 -15.96
CA ILE B 220 10.40 3.50 -15.24
C ILE B 220 11.86 3.19 -15.68
N GLU B 221 12.10 3.12 -16.97
CA GLU B 221 13.44 2.81 -17.45
C GLU B 221 14.46 3.86 -17.05
N LEU B 222 14.05 5.12 -17.06
CA LEU B 222 14.87 6.23 -16.59
C LEU B 222 15.32 6.01 -15.13
N LEU B 223 14.37 5.84 -14.24
CA LEU B 223 14.72 5.48 -12.88
C LEU B 223 15.62 4.23 -12.76
N CYS B 224 15.32 3.17 -13.51
CA CYS B 224 16.09 1.93 -13.32
C CYS B 224 17.52 2.07 -13.80
N ARG B 225 17.72 2.74 -14.92
CA ARG B 225 19.07 2.97 -15.42
C ARG B 225 19.91 3.81 -14.47
N PHE B 226 19.25 4.68 -13.71
CA PHE B 226 19.93 5.50 -12.72
C PHE B 226 20.15 4.85 -11.34
N LEU B 227 19.78 3.58 -11.20
CA LEU B 227 19.91 2.90 -9.92
C LEU B 227 21.30 2.85 -9.32
N PRO B 228 22.32 2.70 -10.14
CA PRO B 228 23.70 2.65 -9.64
C PRO B 228 24.11 3.96 -8.96
N ARG B 229 23.49 5.06 -9.37
CA ARG B 229 23.78 6.37 -8.80
C ARG B 229 22.78 6.75 -7.72
N SER B 230 22.02 5.79 -7.24
CA SER B 230 20.99 6.04 -6.25
C SER B 230 21.50 6.66 -4.95
N LEU B 231 22.67 6.25 -4.49
CA LEU B 231 23.23 6.85 -3.27
C LEU B 231 23.58 8.33 -3.42
N ASN B 232 23.51 8.89 -4.63
CA ASN B 232 23.71 10.32 -4.82
C ASN B 232 22.39 11.09 -4.83
N CYS B 233 21.30 10.39 -4.59
CA CYS B 233 19.98 10.98 -4.82
C CYS B 233 19.36 11.66 -3.61
N GLY B 234 20.09 11.72 -2.51
CA GLY B 234 19.54 12.16 -1.24
C GLY B 234 18.78 11.05 -0.54
N TRP B 235 18.45 11.29 0.72
CA TRP B 235 17.60 10.38 1.45
C TRP B 235 16.88 11.14 2.54
N ASP B 236 15.79 10.57 3.01
CA ASP B 236 15.08 11.16 4.13
C ASP B 236 15.68 10.64 5.43
N SER B 237 16.25 11.52 6.24
CA SER B 237 16.94 11.09 7.47
C SER B 237 16.02 10.88 8.67
N THR B 238 14.77 11.29 8.51
CA THR B 238 13.72 10.86 9.43
C THR B 238 13.69 9.35 9.47
N LYS B 239 13.69 8.74 8.28
CA LYS B 239 13.50 7.30 8.16
C LYS B 239 14.77 6.46 8.23
N SER B 240 15.94 7.10 8.09
CA SER B 240 17.18 6.33 8.04
C SER B 240 18.39 7.15 8.43
N MET B 241 19.36 6.52 9.09
CA MET B 241 20.56 7.23 9.51
C MET B 241 21.37 7.72 8.31
N GLN B 242 21.73 6.80 7.42
CA GLN B 242 22.54 7.10 6.25
C GLN B 242 21.73 6.76 5.01
N ALA B 243 22.15 7.25 3.84
CA ALA B 243 21.56 6.70 2.62
C ALA B 243 22.05 5.27 2.43
N THR B 244 21.13 4.40 2.05
CA THR B 244 21.45 3.02 1.77
C THR B 244 20.90 2.68 0.39
N ILE B 245 21.32 1.57 -0.20
CA ILE B 245 20.77 1.16 -1.48
C ILE B 245 19.25 1.05 -1.38
N VAL B 246 18.78 0.62 -0.22
CA VAL B 246 17.36 0.48 0.04
C VAL B 246 16.70 1.80 0.41
N ASN B 247 17.36 2.62 1.22
CA ASN B 247 16.80 3.91 1.59
C ASN B 247 17.47 5.08 0.90
N ASN B 248 16.80 5.58 -0.12
CA ASN B 248 17.21 6.77 -0.83
C ASN B 248 16.03 7.24 -1.66
N TYR B 249 16.06 8.47 -2.12
CA TYR B 249 14.89 8.99 -2.82
C TYR B 249 14.59 8.26 -4.15
N LEU B 250 15.62 7.75 -4.80
CA LEU B 250 15.38 7.13 -6.10
C LEU B 250 14.57 5.86 -5.91
N MET B 251 15.03 4.99 -5.03
CA MET B 251 14.32 3.75 -4.74
C MET B 251 12.89 4.04 -4.23
N TYR B 252 12.73 5.03 -3.36
CA TYR B 252 11.39 5.44 -2.94
C TYR B 252 10.49 5.89 -4.09
N SER B 253 11.02 6.72 -5.00
CA SER B 253 10.20 7.24 -6.09
C SER B 253 9.77 6.12 -7.06
N LEU B 254 10.70 5.24 -7.38
CA LEU B 254 10.41 4.04 -8.16
C LEU B 254 9.27 3.20 -7.56
N LYS B 255 9.33 2.93 -6.26
CA LYS B 255 8.27 2.21 -5.55
C LYS B 255 6.93 2.99 -5.54
N SER B 256 6.99 4.30 -5.33
CA SER B 256 5.79 5.08 -5.34
C SER B 256 5.14 5.07 -6.70
N PHE B 257 5.93 5.18 -7.76
CA PHE B 257 5.39 5.16 -9.10
C PHE B 257 4.80 3.81 -9.49
N ILE B 258 5.47 2.74 -9.11
CA ILE B 258 5.03 1.39 -9.41
C ILE B 258 3.71 1.10 -8.72
N ALA B 259 3.47 1.80 -7.64
CA ALA B 259 2.24 1.62 -6.88
C ALA B 259 1.04 1.95 -7.76
N ILE B 260 1.17 2.97 -8.60
CA ILE B 260 0.09 3.35 -9.49
C ILE B 260 0.16 2.67 -10.85
N THR B 261 1.19 1.87 -11.10
CA THR B 261 1.30 1.18 -12.37
C THR B 261 1.62 -0.27 -12.12
N PRO B 262 0.67 -1.00 -11.56
CA PRO B 262 0.87 -2.41 -11.23
C PRO B 262 0.92 -3.31 -12.45
N SER B 263 0.19 -2.98 -13.52
CA SER B 263 0.31 -3.76 -14.75
C SER B 263 1.73 -3.75 -15.34
N LEU B 264 2.57 -2.81 -14.90
CA LEU B 264 3.92 -2.73 -15.42
C LEU B 264 4.98 -3.44 -14.56
N VAL B 265 4.56 -4.07 -13.48
CA VAL B 265 5.52 -4.80 -12.64
C VAL B 265 6.33 -5.85 -13.41
N ASP B 266 5.66 -6.78 -14.08
CA ASP B 266 6.37 -7.83 -14.81
C ASP B 266 7.38 -7.24 -15.82
N PHE B 267 6.93 -6.25 -16.58
CA PHE B 267 7.82 -5.50 -17.47
C PHE B 267 9.08 -5.00 -16.76
N THR B 268 8.86 -4.34 -15.63
CA THR B 268 9.92 -3.76 -14.84
C THR B 268 10.94 -4.79 -14.34
N ILE B 269 10.45 -5.87 -13.74
CA ILE B 269 11.36 -6.91 -13.29
C ILE B 269 12.23 -7.42 -14.44
N ASP B 270 11.63 -7.53 -15.63
CA ASP B 270 12.37 -7.99 -16.78
C ASP B 270 13.46 -6.99 -17.18
N TYR B 271 13.09 -5.73 -17.29
CA TYR B 271 14.05 -4.70 -17.69
C TYR B 271 15.29 -4.69 -16.76
N LEU B 272 15.07 -4.86 -15.45
CA LEU B 272 16.15 -4.95 -14.49
C LEU B 272 16.97 -6.21 -14.68
N LYS B 273 16.27 -7.31 -14.96
CA LYS B 273 16.95 -8.56 -15.30
C LYS B 273 17.89 -8.31 -16.49
N GLY B 274 17.42 -7.48 -17.42
CA GLY B 274 18.22 -7.13 -18.58
C GLY B 274 19.38 -6.21 -18.24
N LEU B 275 19.17 -5.29 -17.30
CA LEU B 275 20.22 -4.37 -16.88
C LEU B 275 21.34 -5.12 -16.20
N THR B 276 20.96 -6.14 -15.43
CA THR B 276 21.95 -6.82 -14.64
C THR B 276 22.86 -7.63 -15.57
N LYS B 277 22.31 -8.01 -16.73
CA LYS B 277 23.09 -8.67 -17.77
C LYS B 277 24.05 -7.73 -18.52
N LYS B 278 23.60 -6.52 -18.85
CA LYS B 278 24.47 -5.55 -19.52
C LYS B 278 25.51 -4.93 -18.58
N ASP B 279 25.19 -4.92 -17.29
CA ASP B 279 25.96 -4.16 -16.30
C ASP B 279 26.11 -4.95 -15.00
N PRO B 280 26.76 -6.12 -15.07
CA PRO B 280 26.83 -7.01 -13.91
C PRO B 280 27.53 -6.39 -12.68
N ILE B 281 28.44 -5.43 -12.86
CA ILE B 281 29.13 -4.87 -11.71
C ILE B 281 28.16 -4.14 -10.75
N HIS B 282 26.99 -3.75 -11.24
CA HIS B 282 25.97 -3.11 -10.40
C HIS B 282 24.82 -4.00 -9.88
N ASP B 283 24.99 -5.31 -10.03
CA ASP B 283 23.94 -6.26 -9.75
C ASP B 283 23.20 -5.98 -8.41
N ILE B 284 23.94 -5.68 -7.35
CA ILE B 284 23.35 -5.38 -6.04
C ILE B 284 22.22 -4.34 -6.14
N TYR B 285 22.45 -3.24 -6.85
CA TYR B 285 21.42 -2.23 -7.03
C TYR B 285 20.19 -2.77 -7.77
N TYR B 286 20.43 -3.46 -8.88
CA TYR B 286 19.31 -3.90 -9.68
C TYR B 286 18.48 -4.96 -8.93
N LYS B 287 19.15 -5.86 -8.21
CA LYS B 287 18.47 -6.91 -7.47
C LYS B 287 17.63 -6.27 -6.37
N THR B 288 18.21 -5.28 -5.69
CA THR B 288 17.50 -4.62 -4.58
C THR B 288 16.21 -3.97 -5.06
N ALA B 289 16.28 -3.35 -6.25
CA ALA B 289 15.10 -2.78 -6.89
C ALA B 289 14.04 -3.85 -7.22
N MET B 290 14.45 -4.99 -7.75
CA MET B 290 13.53 -6.10 -7.94
C MET B 290 12.84 -6.43 -6.63
N ILE B 291 13.64 -6.66 -5.60
CA ILE B 291 13.10 -7.04 -4.30
C ILE B 291 12.16 -5.99 -3.69
N THR B 292 12.51 -4.70 -3.74
CA THR B 292 11.62 -3.70 -3.14
C THR B 292 10.35 -3.42 -3.95
N ILE B 293 10.41 -3.70 -5.24
CA ILE B 293 9.25 -3.47 -6.11
C ILE B 293 8.19 -4.54 -5.87
N LEU B 294 8.63 -5.77 -5.63
CA LEU B 294 7.74 -6.91 -5.42
C LEU B 294 7.32 -7.00 -3.96
N ASP B 295 7.95 -6.21 -3.10
CA ASP B 295 7.60 -6.19 -1.68
C ASP B 295 6.16 -5.73 -1.49
N HIS B 296 5.44 -6.49 -0.67
CA HIS B 296 4.03 -6.23 -0.32
C HIS B 296 3.07 -6.43 -1.48
N ILE B 297 3.44 -7.29 -2.43
CA ILE B 297 2.49 -7.73 -3.45
C ILE B 297 2.25 -9.21 -3.27
N GLU B 298 1.09 -9.59 -2.75
CA GLU B 298 0.88 -10.97 -2.33
C GLU B 298 1.06 -11.98 -3.48
N THR B 299 0.61 -11.60 -4.67
CA THR B 299 0.80 -12.44 -5.84
C THR B 299 2.26 -12.81 -6.08
N LYS B 300 3.17 -11.87 -5.78
CA LYS B 300 4.58 -12.00 -6.10
C LYS B 300 5.53 -12.52 -4.99
N GLU B 301 4.98 -12.92 -3.85
CA GLU B 301 5.80 -13.36 -2.73
C GLU B 301 6.74 -14.51 -3.04
N LEU B 302 6.34 -15.48 -3.83
CA LEU B 302 7.27 -16.56 -4.12
C LEU B 302 8.48 -16.02 -4.87
N ASP B 303 8.25 -15.11 -5.80
CA ASP B 303 9.33 -14.49 -6.58
C ASP B 303 10.26 -13.62 -5.75
N MET B 304 9.69 -12.85 -4.85
CA MET B 304 10.47 -12.02 -3.94
C MET B 304 11.41 -12.86 -3.10
N ILE B 305 10.86 -13.89 -2.47
CA ILE B 305 11.61 -14.79 -1.59
C ILE B 305 12.77 -15.43 -2.33
N THR B 306 12.52 -15.76 -3.58
CA THR B 306 13.50 -16.40 -4.44
C THR B 306 14.64 -15.46 -4.80
N ILE B 307 14.32 -14.21 -5.12
CA ILE B 307 15.33 -13.22 -5.49
C ILE B 307 16.15 -12.77 -4.27
N LEU B 308 15.48 -12.62 -3.14
CA LEU B 308 16.19 -12.39 -1.88
C LEU B 308 17.24 -13.49 -1.67
N ASN B 309 16.81 -14.74 -1.78
CA ASN B 309 17.70 -15.88 -1.61
C ASN B 309 18.95 -15.77 -2.47
N GLU B 310 18.77 -15.42 -3.74
CA GLU B 310 19.88 -15.34 -4.68
C GLU B 310 20.73 -14.13 -4.38
N THR B 311 20.14 -13.14 -3.73
CA THR B 311 20.85 -11.90 -3.45
C THR B 311 21.70 -11.91 -2.19
N LEU B 312 21.13 -12.45 -1.11
CA LEU B 312 21.76 -12.55 0.20
C LEU B 312 22.94 -13.50 0.45
N ASP B 313 22.88 -14.71 -0.09
CA ASP B 313 23.91 -15.71 0.18
C ASP B 313 25.29 -15.33 -0.30
N PRO B 314 25.35 -14.73 -1.47
CA PRO B 314 26.62 -14.29 -2.02
C PRO B 314 27.20 -13.24 -1.11
N LEU B 315 26.33 -12.42 -0.54
CA LEU B 315 26.75 -11.34 0.33
C LEU B 315 27.51 -11.76 1.58
N LEU B 316 27.12 -12.84 2.23
CA LEU B 316 27.85 -13.21 3.43
C LEU B 316 29.29 -13.48 3.03
N SER B 317 29.48 -14.19 1.94
CA SER B 317 30.81 -14.44 1.41
C SER B 317 31.56 -13.14 1.14
N LEU B 318 31.04 -12.33 0.21
CA LEU B 318 31.69 -11.07 -0.17
C LEU B 318 31.99 -10.12 1.00
N LEU B 319 31.24 -10.28 2.11
CA LEU B 319 31.53 -9.54 3.34
C LEU B 319 32.83 -10.01 4.00
N ASN B 320 32.99 -11.33 4.10
CA ASN B 320 34.17 -11.92 4.74
C ASN B 320 35.43 -11.94 3.86
N ASP B 321 35.30 -11.52 2.61
CA ASP B 321 36.40 -11.52 1.66
C ASP B 321 36.99 -10.13 1.49
N LEU B 322 36.67 -9.21 2.38
CA LEU B 322 37.39 -7.95 2.41
C LEU B 322 37.98 -7.72 3.79
N PRO B 323 39.30 -7.57 3.87
CA PRO B 323 39.95 -7.26 5.15
C PRO B 323 40.13 -5.77 5.34
N PRO B 324 40.00 -5.03 4.24
CA PRO B 324 40.20 -3.58 4.25
C PRO B 324 39.18 -2.84 5.10
N ARG B 325 37.93 -3.27 5.03
CA ARG B 325 36.84 -2.52 5.63
C ARG B 325 36.67 -1.24 4.81
N ASP B 326 37.10 -1.35 3.57
CA ASP B 326 36.96 -0.26 2.60
C ASP B 326 35.54 0.29 2.65
N ALA B 327 35.36 1.52 2.19
CA ALA B 327 34.05 2.17 2.25
C ALA B 327 32.93 1.29 1.67
N ASP B 328 33.30 0.44 0.71
CA ASP B 328 32.35 -0.48 0.11
C ASP B 328 31.83 -1.49 1.14
N SER B 329 32.57 -1.67 2.23
CA SER B 329 32.19 -2.60 3.29
C SER B 329 30.95 -2.14 4.07
N ALA B 330 30.82 -0.83 4.28
CA ALA B 330 29.67 -0.32 5.01
C ALA B 330 28.43 -0.29 4.10
N ARG B 331 28.64 0.13 2.86
CA ARG B 331 27.61 0.08 1.83
C ARG B 331 27.00 -1.32 1.78
N LEU B 332 27.85 -2.35 1.77
CA LEU B 332 27.37 -3.72 1.63
C LEU B 332 26.72 -4.22 2.90
N MET B 333 27.37 -4.00 4.04
CA MET B 333 26.76 -4.44 5.30
C MET B 333 25.38 -3.81 5.51
N ASN B 334 25.28 -2.51 5.26
CA ASN B 334 24.00 -1.82 5.31
C ASN B 334 23.01 -2.48 4.37
N CYS B 335 23.42 -2.73 3.14
CA CYS B 335 22.52 -3.32 2.17
C CYS B 335 22.06 -4.70 2.63
N MET B 336 23.03 -5.56 2.98
CA MET B 336 22.73 -6.86 3.56
C MET B 336 21.72 -6.78 4.72
N SER B 337 21.88 -5.81 5.61
CA SER B 337 20.97 -5.70 6.74
C SER B 337 19.58 -5.23 6.27
N ASP B 338 19.54 -4.27 5.36
CA ASP B 338 18.26 -3.83 4.80
C ASP B 338 17.46 -4.97 4.15
N LEU B 339 18.09 -5.81 3.32
CA LEU B 339 17.40 -6.99 2.79
C LEU B 339 16.91 -7.94 3.89
N LEU B 340 17.79 -8.34 4.79
CA LEU B 340 17.38 -9.14 5.95
C LEU B 340 16.16 -8.53 6.65
N ASN B 341 16.15 -7.21 6.81
CA ASN B 341 14.96 -6.58 7.39
C ASN B 341 13.70 -6.93 6.63
N ILE B 342 13.76 -6.81 5.29
CA ILE B 342 12.64 -7.21 4.45
C ILE B 342 12.16 -8.64 4.74
N GLN B 343 13.08 -9.61 4.78
CA GLN B 343 12.72 -10.98 5.18
C GLN B 343 12.06 -11.01 6.53
N THR B 344 12.68 -10.39 7.53
CA THR B 344 12.11 -10.38 8.89
C THR B 344 10.68 -9.91 8.86
N ASN B 345 10.46 -8.79 8.19
CA ASN B 345 9.13 -8.25 8.14
C ASN B 345 8.16 -9.25 7.55
N PHE B 346 8.56 -9.90 6.47
CA PHE B 346 7.74 -10.88 5.79
C PHE B 346 7.36 -12.04 6.69
N LEU B 347 8.36 -12.62 7.34
CA LEU B 347 8.13 -13.71 8.28
C LEU B 347 7.17 -13.28 9.40
N LEU B 348 7.44 -12.15 10.04
CA LEU B 348 6.52 -11.64 11.05
C LEU B 348 5.07 -11.53 10.56
N ASN B 349 4.87 -10.97 9.38
CA ASN B 349 3.51 -10.79 8.87
C ASN B 349 2.83 -12.14 8.66
N ARG B 350 3.61 -13.17 8.45
CA ARG B 350 3.04 -14.48 8.19
C ARG B 350 3.01 -15.32 9.44
N GLY B 351 3.31 -14.70 10.57
CA GLY B 351 3.21 -15.35 11.85
C GLY B 351 4.29 -16.37 12.19
N ASP B 352 5.38 -16.37 11.44
CA ASP B 352 6.43 -17.31 11.74
C ASP B 352 7.53 -16.58 12.52
N TYR B 353 7.46 -16.69 13.85
CA TYR B 353 8.30 -15.89 14.73
C TYR B 353 9.66 -16.50 14.98
N GLU B 354 9.76 -17.81 14.78
CA GLU B 354 11.03 -18.47 15.03
C GLU B 354 12.02 -18.09 13.94
N LEU B 355 11.60 -18.20 12.68
CA LEU B 355 12.46 -17.79 11.59
C LEU B 355 12.73 -16.31 11.66
N ALA B 356 11.70 -15.50 11.93
CA ALA B 356 11.89 -14.06 12.00
C ALA B 356 13.03 -13.74 12.97
N LEU B 357 12.99 -14.35 14.15
CA LEU B 357 14.00 -14.07 15.15
C LEU B 357 15.40 -14.47 14.66
N GLY B 358 15.48 -15.55 13.87
CA GLY B 358 16.73 -15.98 13.29
C GLY B 358 17.37 -14.91 12.42
N VAL B 359 16.67 -14.43 11.41
CA VAL B 359 17.24 -13.36 10.60
C VAL B 359 17.40 -12.14 11.47
N SER B 360 16.39 -11.83 12.27
CA SER B 360 16.41 -10.62 13.08
C SER B 360 17.70 -10.48 13.91
N ASN B 361 18.25 -11.60 14.35
CA ASN B 361 19.52 -11.62 15.08
C ASN B 361 20.68 -11.19 14.18
N THR B 362 20.82 -11.92 13.07
CA THR B 362 21.83 -11.64 12.06
C THR B 362 21.83 -10.17 11.59
N SER B 363 20.63 -9.61 11.49
CA SER B 363 20.48 -8.27 10.94
C SER B 363 20.95 -7.20 11.90
N THR B 364 20.71 -7.42 13.20
CA THR B 364 21.07 -6.44 14.21
C THR B 364 22.58 -6.41 14.48
N GLU B 365 23.27 -7.51 14.18
CA GLU B 365 24.73 -7.57 14.26
C GLU B 365 25.41 -6.77 13.16
N LEU B 366 24.92 -6.94 11.93
CA LEU B 366 25.50 -6.29 10.77
C LEU B 366 25.34 -4.77 10.80
N ALA B 367 24.23 -4.31 11.36
CA ALA B 367 24.08 -2.88 11.61
C ALA B 367 23.63 -2.66 13.03
N LEU B 368 24.51 -2.10 13.85
CA LEU B 368 24.10 -1.76 15.20
C LEU B 368 23.55 -0.34 15.14
N ASP B 369 23.82 0.32 14.02
CA ASP B 369 23.37 1.69 13.79
C ASP B 369 21.98 1.70 13.17
N SER B 370 21.43 0.52 12.92
CA SER B 370 20.20 0.45 12.17
C SER B 370 18.99 0.54 13.09
N PHE B 371 18.22 1.61 12.92
CA PHE B 371 16.95 1.71 13.60
C PHE B 371 16.04 0.53 13.24
N GLU B 372 15.86 0.29 11.94
CA GLU B 372 15.01 -0.81 11.50
C GLU B 372 15.43 -2.14 12.11
N SER B 373 16.72 -2.36 12.32
CA SER B 373 17.14 -3.66 12.86
C SER B 373 16.70 -3.91 14.31
N TRP B 374 16.77 -2.87 15.13
CA TRP B 374 16.37 -2.98 16.51
C TRP B 374 14.86 -3.07 16.56
N TYR B 375 14.21 -2.32 15.68
CA TYR B 375 12.77 -2.25 15.66
C TYR B 375 12.16 -3.60 15.36
N ASN B 376 12.69 -4.30 14.36
CA ASN B 376 12.18 -5.62 14.06
C ASN B 376 12.53 -6.59 15.17
N LEU B 377 13.68 -6.38 15.80
CA LEU B 377 14.11 -7.26 16.87
C LEU B 377 13.13 -7.12 18.03
N ALA B 378 12.58 -5.91 18.19
CA ALA B 378 11.61 -5.67 19.24
C ALA B 378 10.28 -6.34 18.88
N ARG B 379 9.91 -6.25 17.61
CA ARG B 379 8.69 -6.87 17.14
C ARG B 379 8.74 -8.36 17.40
N CYS B 380 9.86 -8.99 17.08
CA CYS B 380 10.04 -10.42 17.30
C CYS B 380 9.77 -10.76 18.76
N HIS B 381 10.42 -10.04 19.67
CA HIS B 381 10.18 -10.28 21.09
C HIS B 381 8.72 -10.09 21.49
N ILE B 382 8.10 -8.99 21.05
CA ILE B 382 6.70 -8.74 21.35
C ILE B 382 5.77 -9.90 20.92
N LYS B 383 6.00 -10.44 19.73
CA LYS B 383 5.19 -11.53 19.20
C LYS B 383 5.44 -12.83 19.99
N LYS B 384 6.65 -12.99 20.52
CA LYS B 384 6.97 -14.15 21.35
C LYS B 384 6.62 -13.85 22.80
N GLU B 385 5.96 -12.70 22.99
CA GLU B 385 5.51 -12.23 24.31
C GLU B 385 6.59 -12.01 25.35
N GLU B 386 7.83 -11.80 24.92
CA GLU B 386 8.88 -11.53 25.89
C GLU B 386 9.11 -10.02 25.88
N TYR B 387 8.48 -9.33 26.82
CA TYR B 387 8.33 -7.89 26.69
C TYR B 387 9.52 -7.10 27.25
N GLU B 388 10.34 -7.75 28.08
CA GLU B 388 11.50 -7.10 28.66
C GLU B 388 12.55 -6.98 27.57
N LYS B 389 12.79 -8.08 26.87
CA LYS B 389 13.75 -8.06 25.78
C LYS B 389 13.32 -7.00 24.78
N ALA B 390 12.03 -6.98 24.46
CA ALA B 390 11.48 -5.94 23.59
C ALA B 390 11.85 -4.55 24.07
N LEU B 391 11.60 -4.28 25.35
CA LEU B 391 11.90 -2.97 25.91
C LEU B 391 13.39 -2.66 25.86
N PHE B 392 14.22 -3.69 26.08
CA PHE B 392 15.67 -3.53 25.93
C PHE B 392 15.98 -3.07 24.52
N ALA B 393 15.49 -3.82 23.55
CA ALA B 393 15.72 -3.48 22.14
C ALA B 393 15.36 -2.03 21.87
N ILE B 394 14.20 -1.60 22.32
CA ILE B 394 13.77 -0.23 22.06
C ILE B 394 14.73 0.79 22.65
N ASN B 395 15.22 0.53 23.86
CA ASN B 395 16.15 1.43 24.50
C ASN B 395 17.45 1.56 23.72
N SER B 396 17.90 0.44 23.16
CA SER B 396 19.14 0.36 22.39
C SER B 396 19.17 1.17 21.09
N MET B 397 18.02 1.51 20.56
CA MET B 397 17.96 2.23 19.30
C MET B 397 18.58 3.62 19.22
N PRO B 398 19.14 3.92 18.05
CA PRO B 398 19.69 5.24 17.70
C PRO B 398 18.60 6.33 17.59
N ARG B 399 18.89 7.56 18.00
CA ARG B 399 17.89 8.63 17.93
C ARG B 399 18.00 9.51 16.68
N ARG B 413 15.10 23.67 7.62
CA ARG B 413 15.45 23.11 6.33
C ARG B 413 15.33 24.16 5.20
N PHE B 414 14.11 24.40 4.73
CA PHE B 414 13.90 25.39 3.68
C PHE B 414 13.01 26.49 4.22
N LEU B 415 13.43 27.75 4.06
CA LEU B 415 12.59 28.87 4.49
C LEU B 415 12.26 29.70 3.26
N THR B 416 11.03 29.59 2.78
CA THR B 416 10.61 30.36 1.60
C THR B 416 9.15 30.80 1.61
N SER B 417 8.52 30.84 2.77
CA SER B 417 7.09 31.17 2.85
C SER B 417 6.67 32.59 3.21
N ASN B 418 7.57 33.54 3.06
CA ASN B 418 7.26 34.93 3.37
C ASN B 418 6.11 35.46 2.52
N TYR B 419 6.03 35.01 1.28
CA TYR B 419 4.99 35.42 0.33
C TYR B 419 3.52 35.07 0.62
N TYR B 420 3.26 34.01 1.36
CA TYR B 420 1.89 33.57 1.63
C TYR B 420 1.29 33.81 3.03
N LYS B 421 0.05 34.26 3.09
CA LYS B 421 -0.63 34.48 4.35
C LYS B 421 -1.94 33.67 4.42
N LYS B 422 -2.12 32.84 5.45
CA LYS B 422 -3.36 32.05 5.60
C LYS B 422 -4.59 32.91 5.88
N PRO B 423 -5.71 32.59 5.26
CA PRO B 423 -6.95 33.33 5.47
C PRO B 423 -7.57 33.13 6.85
N LEU B 424 -7.29 31.97 7.46
CA LEU B 424 -7.82 31.60 8.78
C LEU B 424 -9.33 31.70 8.91
N ASN B 425 -10.03 31.08 7.97
CA ASN B 425 -11.48 31.04 8.01
C ASN B 425 -12.11 32.41 8.00
N GLY B 426 -11.55 33.30 7.20
CA GLY B 426 -12.11 34.61 6.95
C GLY B 426 -12.05 35.56 8.14
N THR B 427 -11.18 35.27 9.09
CA THR B 427 -11.13 36.07 10.31
C THR B 427 -10.05 37.14 10.26
N ARG B 428 -9.37 37.23 9.13
CA ARG B 428 -8.35 38.25 8.99
C ARG B 428 -8.08 38.54 7.53
N GLU B 429 -7.47 39.68 7.24
CA GLU B 429 -7.18 40.05 5.88
C GLU B 429 -5.78 39.54 5.56
N HIS B 430 -5.59 39.05 4.34
CA HIS B 430 -4.27 38.66 3.87
C HIS B 430 -3.88 39.47 2.64
N TYR B 431 -3.16 40.58 2.84
CA TYR B 431 -2.67 41.36 1.72
C TYR B 431 -1.33 41.97 2.09
N ASP B 432 -0.25 41.55 1.44
CA ASP B 432 1.05 42.17 1.66
C ASP B 432 1.54 43.08 0.56
N LEU B 433 0.72 43.25 -0.48
CA LEU B 433 1.15 44.00 -1.64
C LEU B 433 1.14 45.50 -1.38
N THR B 434 2.10 46.20 -1.97
CA THR B 434 2.03 47.67 -2.00
C THR B 434 1.19 48.07 -3.21
N ALA B 435 0.90 49.36 -3.35
CA ALA B 435 0.02 49.80 -4.43
C ALA B 435 0.66 49.64 -5.82
N MET B 436 1.96 49.94 -5.91
CA MET B 436 2.68 49.73 -7.15
C MET B 436 2.73 48.22 -7.47
N GLU B 437 3.00 47.42 -6.46
CA GLU B 437 3.00 45.97 -6.66
C GLU B 437 1.68 45.51 -7.25
N PHE B 438 0.58 46.03 -6.72
CA PHE B 438 -0.73 45.62 -7.21
C PHE B 438 -1.03 46.18 -8.60
N THR B 439 -0.65 47.42 -8.82
CA THR B 439 -0.78 48.04 -10.13
C THR B 439 -0.05 47.20 -11.17
N ASN B 440 1.21 46.87 -10.87
CA ASN B 440 2.01 46.00 -11.73
C ASN B 440 1.37 44.62 -11.92
N LEU B 441 0.96 44.00 -10.82
CA LEU B 441 0.27 42.72 -10.92
C LEU B 441 -0.94 42.81 -11.84
N SER B 442 -1.80 43.80 -11.64
CA SER B 442 -2.99 43.97 -12.47
C SER B 442 -2.66 44.18 -13.93
N GLY B 443 -1.61 44.91 -14.21
CA GLY B 443 -1.22 45.18 -15.58
C GLY B 443 -0.92 43.88 -16.30
N THR B 444 -0.31 42.96 -15.58
CA THR B 444 0.04 41.64 -16.09
C THR B 444 -1.18 40.73 -16.28
N LEU B 445 -2.26 41.03 -15.58
CA LEU B 445 -3.48 40.23 -15.68
C LEU B 445 -4.65 41.13 -16.01
N ARG B 446 -4.71 41.59 -17.25
CA ARG B 446 -5.75 42.48 -17.72
C ARG B 446 -7.14 41.86 -17.70
N ASN B 447 -7.21 40.60 -18.12
CA ASN B 447 -8.45 39.85 -18.18
C ASN B 447 -9.16 39.72 -16.83
N TRP B 448 -8.48 40.05 -15.74
CA TRP B 448 -9.05 39.89 -14.40
C TRP B 448 -9.65 41.18 -13.86
N LYS B 449 -10.89 41.10 -13.39
CA LYS B 449 -11.55 42.20 -12.69
C LYS B 449 -10.74 42.49 -11.41
N GLU B 450 -10.38 43.75 -11.20
CA GLU B 450 -9.50 44.08 -10.09
C GLU B 450 -9.96 43.68 -8.69
N ASP B 451 -11.24 43.82 -8.39
CA ASP B 451 -11.72 43.39 -7.08
C ASP B 451 -11.67 41.86 -6.93
N GLU B 452 -12.02 41.15 -8.00
CA GLU B 452 -11.96 39.69 -7.99
C GLU B 452 -10.52 39.26 -7.76
N LEU B 453 -9.60 39.96 -8.42
CA LEU B 453 -8.18 39.70 -8.27
C LEU B 453 -7.71 39.88 -6.84
N LYS B 454 -8.14 40.97 -6.22
CA LYS B 454 -7.68 41.26 -4.86
C LYS B 454 -8.11 40.16 -3.88
N ARG B 455 -9.31 39.62 -4.10
CA ARG B 455 -9.81 38.54 -3.27
C ARG B 455 -9.01 37.23 -3.39
N GLN B 456 -8.36 37.02 -4.53
CA GLN B 456 -7.56 35.82 -4.74
C GLN B 456 -6.10 35.92 -4.23
N ILE B 457 -5.71 37.09 -3.72
CA ILE B 457 -4.36 37.27 -3.23
C ILE B 457 -4.17 36.89 -1.74
N PHE B 458 -3.23 36.00 -1.47
CA PHE B 458 -2.95 35.60 -0.10
C PHE B 458 -1.55 36.01 0.32
N GLY B 459 -1.43 37.11 1.06
CA GLY B 459 -0.13 37.73 1.22
C GLY B 459 0.39 38.35 -0.07
N ARG B 460 1.51 37.85 -0.56
CA ARG B 460 2.12 38.30 -1.81
C ARG B 460 1.89 37.40 -3.04
N ILE B 461 1.06 36.35 -2.90
CA ILE B 461 0.81 35.45 -4.03
C ILE B 461 -0.65 35.51 -4.53
N ALA B 462 -0.82 35.53 -5.84
CA ALA B 462 -2.17 35.53 -6.42
C ALA B 462 -2.59 34.10 -6.80
N MET B 463 -3.56 33.59 -6.05
CA MET B 463 -4.01 32.19 -6.12
C MET B 463 -5.05 31.98 -7.23
N ILE B 464 -5.09 32.88 -8.19
CA ILE B 464 -5.91 32.68 -9.39
C ILE B 464 -5.71 31.32 -10.08
N ASN B 465 -6.82 30.65 -10.38
CA ASN B 465 -6.83 29.45 -11.20
C ASN B 465 -7.84 29.68 -12.36
N GLU B 466 -7.34 29.94 -13.55
CA GLU B 466 -8.20 30.51 -14.59
C GLU B 466 -9.13 29.53 -15.33
N LYS B 467 -8.59 28.38 -15.73
CA LYS B 467 -9.40 27.38 -16.44
C LYS B 467 -10.29 26.55 -15.51
N LYS B 468 -10.17 26.75 -14.20
CA LYS B 468 -11.04 26.14 -13.21
C LYS B 468 -11.09 24.60 -13.23
N ILE B 469 -10.08 23.94 -13.81
CA ILE B 469 -10.07 22.49 -13.79
C ILE B 469 -10.12 21.93 -12.38
N GLY B 470 -11.10 21.04 -12.12
CA GLY B 470 -11.31 20.50 -10.80
C GLY B 470 -12.40 21.19 -10.00
N TYR B 471 -12.94 22.27 -10.57
CA TYR B 471 -13.93 23.05 -9.85
C TYR B 471 -15.18 22.26 -9.40
N THR B 472 -15.57 22.50 -8.16
CA THR B 472 -16.91 22.19 -7.70
C THR B 472 -17.32 23.34 -6.80
N LYS B 473 -18.61 23.67 -6.82
CA LYS B 473 -19.11 24.84 -6.09
C LYS B 473 -18.84 24.77 -4.59
N GLU B 474 -19.19 23.67 -3.93
CA GLU B 474 -19.07 23.60 -2.47
C GLU B 474 -17.63 23.72 -1.98
N ILE B 475 -16.71 23.12 -2.72
CA ILE B 475 -15.30 23.24 -2.43
C ILE B 475 -14.68 24.59 -2.80
N TRP B 476 -14.78 24.99 -4.07
CA TRP B 476 -14.00 26.14 -4.53
C TRP B 476 -14.57 27.49 -4.10
N ASP B 477 -15.89 27.55 -3.93
CA ASP B 477 -16.51 28.84 -3.60
C ASP B 477 -16.78 29.02 -2.13
N ASP B 478 -16.48 28.00 -1.35
CA ASP B 478 -16.67 28.10 0.09
C ASP B 478 -15.45 27.73 0.95
N ILE B 479 -15.30 26.45 1.22
CA ILE B 479 -14.25 25.94 2.09
C ILE B 479 -12.82 26.22 1.65
N ALA B 480 -12.55 26.14 0.36
CA ALA B 480 -11.21 26.40 -0.14
C ALA B 480 -10.75 27.83 0.11
N ILE B 481 -11.66 28.78 -0.05
CA ILE B 481 -11.35 30.19 0.16
C ILE B 481 -10.96 30.39 1.61
N LYS B 482 -11.68 29.74 2.49
CA LYS B 482 -11.38 29.77 3.91
C LYS B 482 -10.31 28.71 3.98
N LEU B 483 -9.45 28.74 4.98
CA LEU B 483 -8.39 27.72 5.06
C LEU B 483 -7.23 27.87 4.08
N GLY B 484 -7.48 27.86 2.78
CA GLY B 484 -6.40 27.98 1.81
C GLY B 484 -5.70 26.65 1.59
N PRO B 485 -4.61 26.62 0.82
CA PRO B 485 -3.93 25.33 0.63
C PRO B 485 -3.46 24.71 1.96
N ILE B 486 -3.61 23.39 2.12
CA ILE B 486 -3.08 22.75 3.31
C ILE B 486 -1.86 21.89 2.99
N CYS B 487 -0.69 22.42 3.33
CA CYS B 487 0.53 21.74 2.99
C CYS B 487 1.56 22.23 4.00
N GLY B 488 2.78 21.68 3.93
CA GLY B 488 3.84 22.03 4.86
C GLY B 488 3.72 21.31 6.19
N PRO B 489 4.64 21.62 7.13
CA PRO B 489 4.65 20.92 8.42
C PRO B 489 3.36 21.07 9.22
N GLN B 490 2.66 22.19 9.11
CA GLN B 490 1.35 22.36 9.78
C GLN B 490 0.17 21.48 9.28
N SER B 491 0.38 20.72 8.21
CA SER B 491 -0.73 20.12 7.48
C SER B 491 -1.29 18.84 8.11
N VAL B 492 -0.78 18.45 9.27
CA VAL B 492 -1.25 17.23 9.89
C VAL B 492 -2.60 17.41 10.58
N ASN B 493 -2.95 18.64 10.90
CA ASN B 493 -4.28 18.93 11.40
C ASN B 493 -4.66 20.36 11.09
N LEU B 494 -5.87 20.76 11.45
CA LEU B 494 -6.38 22.07 11.06
C LEU B 494 -6.18 23.12 12.13
N ILE B 495 -5.50 22.76 13.22
CA ILE B 495 -5.33 23.67 14.33
C ILE B 495 -4.88 25.05 13.86
N ASN B 496 -3.89 25.06 12.98
CA ASN B 496 -3.31 26.32 12.54
C ASN B 496 -3.96 26.95 11.34
N TYR B 497 -4.96 26.27 10.76
CA TYR B 497 -5.70 26.80 9.62
C TYR B 497 -7.05 27.43 9.92
N VAL B 498 -7.53 27.17 11.12
CA VAL B 498 -8.92 27.46 11.46
C VAL B 498 -9.01 28.79 12.24
N SER B 499 -10.20 29.19 12.64
CA SER B 499 -10.34 30.40 13.44
C SER B 499 -9.64 30.27 14.79
N PRO B 500 -8.86 31.29 15.18
CA PRO B 500 -8.24 31.26 16.52
C PRO B 500 -9.31 31.04 17.59
N GLN B 501 -10.45 31.71 17.41
CA GLN B 501 -11.60 31.51 18.27
C GLN B 501 -12.01 30.04 18.36
N GLU B 502 -12.02 29.35 17.22
CA GLU B 502 -12.42 27.94 17.20
C GLU B 502 -11.51 27.06 18.06
N VAL B 503 -10.22 27.37 18.07
CA VAL B 503 -9.24 26.68 18.89
C VAL B 503 -9.46 27.00 20.35
N LYS B 504 -9.54 28.29 20.66
CA LYS B 504 -9.84 28.73 22.02
C LYS B 504 -11.10 28.05 22.56
N ASN B 505 -12.09 27.85 21.70
CA ASN B 505 -13.34 27.21 22.09
C ASN B 505 -13.23 25.75 22.51
N ILE B 506 -12.07 25.14 22.32
CA ILE B 506 -11.99 23.72 22.57
C ILE B 506 -11.88 23.51 24.07
N LYS B 507 -12.89 22.84 24.62
CA LYS B 507 -13.01 22.62 26.06
C LYS B 507 -11.72 22.03 26.65
N ASN B 508 -11.26 20.95 26.03
CA ASN B 508 -10.22 20.14 26.60
C ASN B 508 -8.81 20.53 26.13
N ILE B 509 -8.03 21.11 27.03
CA ILE B 509 -6.69 21.57 26.70
C ILE B 509 -5.80 20.43 26.18
N ASN B 510 -5.89 19.27 26.81
CA ASN B 510 -5.09 18.13 26.38
C ASN B 510 -5.34 17.81 24.92
N LEU B 511 -6.59 18.01 24.50
CA LEU B 511 -6.97 17.71 23.12
C LEU B 511 -6.10 18.50 22.12
N ILE B 512 -5.92 19.79 22.36
CA ILE B 512 -4.95 20.60 21.62
C ILE B 512 -3.50 20.20 21.91
N ALA B 513 -3.13 20.19 23.20
CA ALA B 513 -1.76 19.91 23.61
C ALA B 513 -1.15 18.63 23.01
N ARG B 514 -1.95 17.58 22.87
CA ARG B 514 -1.48 16.32 22.32
C ARG B 514 -1.43 16.32 20.80
N ASN B 515 -1.95 17.36 20.18
CA ASN B 515 -1.93 17.49 18.73
C ASN B 515 -1.11 18.64 18.14
N THR B 516 -0.30 19.32 18.94
CA THR B 516 0.44 20.46 18.40
C THR B 516 1.58 20.04 17.48
N ILE B 517 2.02 20.98 16.65
CA ILE B 517 3.00 20.65 15.64
C ILE B 517 4.32 20.28 16.29
N GLY B 518 4.58 20.86 17.46
CA GLY B 518 5.74 20.50 18.27
C GLY B 518 5.68 19.07 18.80
N LYS B 519 4.57 18.72 19.45
CA LYS B 519 4.41 17.41 20.09
C LYS B 519 4.02 16.35 19.06
N GLN B 520 4.03 16.75 17.78
CA GLN B 520 3.84 15.81 16.68
C GLN B 520 4.85 14.68 16.82
N LEU B 521 4.46 13.47 16.45
CA LEU B 521 5.29 12.30 16.75
C LEU B 521 6.53 12.19 15.87
N GLY B 522 6.33 12.03 14.56
CA GLY B 522 7.46 11.90 13.67
C GLY B 522 7.84 10.45 13.50
N TRP B 523 8.41 10.13 12.35
CA TRP B 523 8.52 8.74 11.92
C TRP B 523 9.12 7.82 12.98
N PHE B 524 10.23 8.24 13.55
CA PHE B 524 10.96 7.42 14.52
C PHE B 524 10.11 7.12 15.76
N SER B 525 9.70 8.17 16.47
CA SER B 525 8.93 7.98 17.71
C SER B 525 7.53 7.41 17.44
N GLY B 526 6.98 7.68 16.28
CA GLY B 526 5.73 7.06 15.87
C GLY B 526 5.83 5.53 15.80
N LYS B 527 6.94 5.05 15.25
CA LYS B 527 7.16 3.62 15.14
C LYS B 527 7.28 3.02 16.52
N ILE B 528 7.97 3.71 17.41
CA ILE B 528 8.13 3.23 18.77
C ILE B 528 6.79 3.21 19.52
N TYR B 529 6.03 4.29 19.35
CA TYR B 529 4.76 4.47 20.03
C TYR B 529 3.90 3.28 19.66
N GLY B 530 4.02 2.87 18.41
CA GLY B 530 3.32 1.70 17.90
C GLY B 530 3.63 0.40 18.63
N LEU B 531 4.92 0.16 18.86
CA LEU B 531 5.33 -1.03 19.59
C LEU B 531 4.78 -0.97 21.03
N LEU B 532 4.75 0.23 21.60
CA LEU B 532 4.24 0.37 22.95
C LEU B 532 2.74 0.04 22.95
N MET B 533 2.03 0.52 21.93
CA MET B 533 0.62 0.20 21.77
C MET B 533 0.40 -1.33 21.69
N GLU B 534 1.22 -2.01 20.89
CA GLU B 534 1.16 -3.46 20.76
C GLU B 534 1.22 -4.09 22.14
N ILE B 535 2.14 -3.59 22.97
CA ILE B 535 2.33 -4.12 24.32
C ILE B 535 1.14 -3.81 25.23
N VAL B 536 0.66 -2.57 25.16
CA VAL B 536 -0.48 -2.15 25.95
C VAL B 536 -1.70 -3.02 25.64
N ASN B 537 -1.94 -3.26 24.36
CA ASN B 537 -3.04 -4.14 23.97
C ASN B 537 -3.07 -5.48 24.68
N LYS B 538 -1.90 -6.06 24.92
CA LYS B 538 -1.83 -7.33 25.65
C LYS B 538 -1.97 -7.13 27.16
N ILE B 539 -1.01 -6.46 27.76
CA ILE B 539 -0.95 -6.30 29.21
C ILE B 539 -1.43 -4.95 29.81
N GLY B 540 -1.76 -4.00 28.95
CA GLY B 540 -2.21 -2.69 29.43
C GLY B 540 -1.12 -1.74 29.88
N TRP B 541 -1.48 -0.48 30.08
CA TRP B 541 -0.48 0.54 30.44
C TRP B 541 0.19 0.24 31.78
N ASN B 542 -0.60 -0.25 32.73
CA ASN B 542 -0.03 -0.67 33.99
C ASN B 542 0.97 -1.79 33.77
N GLY B 543 0.69 -2.67 32.82
CA GLY B 543 1.57 -3.79 32.55
C GLY B 543 2.87 -3.30 31.96
N LEU B 544 2.74 -2.46 30.92
CA LEU B 544 3.89 -1.82 30.30
C LEU B 544 4.81 -1.23 31.35
N LEU B 545 4.20 -0.52 32.31
CA LEU B 545 4.96 0.18 33.36
C LEU B 545 5.72 -0.76 34.29
N ASN B 546 5.14 -1.93 34.59
CA ASN B 546 5.85 -2.95 35.36
C ASN B 546 7.02 -3.50 34.58
N ILE B 547 6.78 -3.78 33.30
CA ILE B 547 7.84 -4.24 32.39
C ILE B 547 9.00 -3.26 32.42
N ARG B 548 8.69 -1.96 32.45
CA ARG B 548 9.73 -0.96 32.57
C ARG B 548 10.64 -1.23 33.77
N THR B 549 10.06 -1.42 34.96
CA THR B 549 10.90 -1.63 36.14
C THR B 549 11.53 -3.03 36.21
N GLU B 550 10.88 -4.03 35.62
CA GLU B 550 11.54 -5.33 35.50
C GLU B 550 12.82 -5.16 34.70
N ALA B 551 12.73 -4.33 33.66
CA ALA B 551 13.89 -4.08 32.80
C ALA B 551 15.02 -3.36 33.55
N PHE B 552 14.68 -2.48 34.49
CA PHE B 552 15.69 -1.80 35.28
C PHE B 552 16.54 -2.85 35.97
N MET B 553 15.88 -3.87 36.48
CA MET B 553 16.55 -4.99 37.11
C MET B 553 17.41 -5.72 36.10
N MET B 554 16.89 -5.84 34.89
CA MET B 554 17.61 -6.49 33.80
C MET B 554 17.47 -8.00 33.89
N CYS B 582 16.94 3.35 31.35
CA CYS B 582 15.80 3.82 30.57
C CYS B 582 15.96 5.28 30.21
N GLU B 583 16.08 5.55 28.91
CA GLU B 583 16.26 6.91 28.43
C GLU B 583 15.07 7.82 28.65
N GLY B 584 15.34 9.10 28.81
CA GLY B 584 14.30 10.09 29.05
C GLY B 584 13.32 10.24 27.91
N TRP B 585 13.80 10.16 26.69
CA TRP B 585 12.92 10.28 25.53
C TRP B 585 11.84 9.20 25.59
N LEU B 586 12.17 8.07 26.20
CA LEU B 586 11.25 6.96 26.36
C LEU B 586 10.24 7.28 27.48
N ASP B 587 10.75 7.77 28.61
CA ASP B 587 9.87 8.23 29.67
C ASP B 587 8.78 9.17 29.11
N ASP B 588 9.20 10.07 28.23
CA ASP B 588 8.29 11.05 27.68
C ASP B 588 7.16 10.40 26.86
N LEU B 589 7.49 9.37 26.09
CA LEU B 589 6.50 8.61 25.31
C LEU B 589 5.50 7.88 26.19
N PHE B 590 5.99 7.22 27.24
CA PHE B 590 5.08 6.58 28.20
C PHE B 590 4.01 7.56 28.67
N LEU B 591 4.43 8.77 29.04
CA LEU B 591 3.46 9.75 29.52
C LEU B 591 2.54 10.23 28.42
N ASP B 592 3.08 10.40 27.22
CA ASP B 592 2.28 10.77 26.05
C ASP B 592 1.25 9.69 25.76
N LEU B 593 1.72 8.45 25.70
CA LEU B 593 0.85 7.30 25.48
C LEU B 593 -0.29 7.29 26.48
N TYR B 594 0.07 7.44 27.77
CA TYR B 594 -0.91 7.49 28.84
C TYR B 594 -1.99 8.52 28.56
N GLN B 595 -1.58 9.76 28.33
CA GLN B 595 -2.54 10.83 28.08
C GLN B 595 -3.39 10.60 26.83
N ASP B 596 -2.84 9.93 25.84
CA ASP B 596 -3.57 9.66 24.60
C ASP B 596 -4.65 8.59 24.83
N LEU B 597 -4.29 7.55 25.56
CA LEU B 597 -5.24 6.53 25.98
C LEU B 597 -6.41 7.15 26.75
N LYS B 598 -6.11 8.11 27.62
CA LYS B 598 -7.13 8.79 28.40
C LYS B 598 -8.06 9.56 27.44
N LEU B 599 -7.46 10.39 26.59
CA LEU B 599 -8.22 11.16 25.61
C LEU B 599 -9.10 10.27 24.74
N SER B 600 -8.64 9.06 24.50
CA SER B 600 -9.35 8.11 23.67
C SER B 600 -10.70 7.75 24.24
N LYS B 601 -10.77 7.65 25.56
CA LYS B 601 -11.97 7.27 26.28
C LYS B 601 -13.09 8.29 26.18
N ILE B 602 -12.73 9.54 25.89
CA ILE B 602 -13.68 10.63 25.84
C ILE B 602 -14.77 10.44 24.80
N SER B 603 -15.98 10.85 25.14
CA SER B 603 -17.09 10.84 24.21
C SER B 603 -17.60 12.26 24.07
N LEU B 604 -17.65 12.75 22.84
CA LEU B 604 -18.05 14.13 22.59
C LEU B 604 -19.52 14.23 22.23
N SER B 605 -20.20 13.09 22.24
CA SER B 605 -21.58 13.05 21.85
C SER B 605 -22.49 12.65 23.00
N ASN B 606 -23.75 13.07 22.89
CA ASN B 606 -24.73 12.71 23.89
C ASN B 606 -24.65 13.58 25.14
N LYS B 607 -23.85 14.64 25.10
CA LYS B 607 -23.77 15.47 26.28
C LYS B 607 -24.57 16.75 26.14
N ASP B 608 -25.24 16.91 25.01
CA ASP B 608 -26.02 18.11 24.78
C ASP B 608 -25.01 19.23 24.78
N GLU B 609 -23.80 18.88 24.36
CA GLU B 609 -22.70 19.83 24.29
C GLU B 609 -22.35 19.97 22.82
N LYS B 610 -22.19 21.20 22.36
CA LYS B 610 -21.86 21.39 20.96
C LYS B 610 -20.36 21.31 20.75
N HIS B 611 -19.95 20.45 19.84
CA HIS B 611 -18.54 20.30 19.49
C HIS B 611 -18.21 20.64 18.06
N SER B 612 -17.21 21.49 17.90
CA SER B 612 -16.73 21.97 16.60
C SER B 612 -16.13 20.83 15.77
N GLY B 613 -15.97 21.09 14.47
CA GLY B 613 -15.34 20.13 13.59
C GLY B 613 -13.92 19.88 14.03
N LEU B 614 -13.24 20.96 14.42
CA LEU B 614 -11.85 20.85 14.84
C LEU B 614 -11.72 19.85 15.98
N GLU B 615 -12.71 19.87 16.87
CA GLU B 615 -12.67 19.03 18.06
C GLU B 615 -12.87 17.57 17.68
N TRP B 616 -13.78 17.32 16.75
CA TRP B 616 -14.03 15.99 16.25
C TRP B 616 -12.82 15.43 15.51
N GLU B 617 -12.20 16.30 14.72
CA GLU B 617 -11.04 15.91 13.98
C GLU B 617 -9.87 15.55 14.89
N LEU B 618 -9.58 16.37 15.90
CA LEU B 618 -8.49 16.12 16.86
C LEU B 618 -8.77 14.85 17.64
N LEU B 619 -10.02 14.64 18.02
CA LEU B 619 -10.39 13.43 18.74
C LEU B 619 -10.10 12.20 17.87
N GLY B 620 -10.44 12.30 16.59
CA GLY B 620 -10.25 11.23 15.64
C GLY B 620 -8.79 10.89 15.39
N LEU B 621 -7.97 11.92 15.26
CA LEU B 621 -6.53 11.68 15.11
C LEU B 621 -6.00 10.91 16.35
N ILE B 622 -6.44 11.31 17.54
CA ILE B 622 -6.00 10.61 18.73
C ILE B 622 -6.47 9.16 18.73
N MET B 623 -7.70 8.96 18.32
CA MET B 623 -8.23 7.59 18.24
C MET B 623 -7.44 6.71 17.26
N LEU B 624 -7.06 7.25 16.10
CA LEU B 624 -6.21 6.51 15.17
C LEU B 624 -4.91 6.11 15.85
N ARG B 625 -4.31 7.08 16.52
CA ARG B 625 -3.04 6.90 17.19
C ARG B 625 -3.10 5.74 18.19
N THR B 626 -4.23 5.64 18.90
CA THR B 626 -4.41 4.60 19.91
C THR B 626 -5.09 3.35 19.35
N TRP B 627 -5.25 3.29 18.03
CA TRP B 627 -5.82 2.12 17.33
C TRP B 627 -7.30 1.83 17.60
N HIS B 628 -8.09 2.85 17.92
CA HIS B 628 -9.50 2.57 18.03
C HIS B 628 -10.12 2.98 16.71
N TRP B 629 -10.25 2.00 15.83
CA TRP B 629 -10.40 2.30 14.43
C TRP B 629 -11.78 2.80 14.14
N GLU B 630 -12.78 2.06 14.62
CA GLU B 630 -14.16 2.42 14.38
C GLU B 630 -14.46 3.78 15.00
N ASP B 631 -14.01 3.96 16.24
CA ASP B 631 -14.18 5.23 16.92
C ASP B 631 -13.59 6.38 16.11
N ALA B 632 -12.42 6.14 15.55
CA ALA B 632 -11.71 7.12 14.74
C ALA B 632 -12.46 7.47 13.45
N VAL B 633 -12.95 6.46 12.75
CA VAL B 633 -13.69 6.69 11.53
C VAL B 633 -14.93 7.51 11.84
N ALA B 634 -15.62 7.12 12.89
CA ALA B 634 -16.80 7.84 13.33
C ALA B 634 -16.52 9.32 13.61
N CYS B 635 -15.55 9.62 14.47
CA CYS B 635 -15.20 11.02 14.74
C CYS B 635 -14.79 11.76 13.48
N LEU B 636 -13.93 11.15 12.67
CA LEU B 636 -13.46 11.81 11.48
C LEU B 636 -14.59 12.17 10.56
N ARG B 637 -15.55 11.27 10.39
CA ARG B 637 -16.71 11.60 9.56
C ARG B 637 -17.54 12.72 10.17
N THR B 638 -17.74 12.65 11.48
CA THR B 638 -18.49 13.69 12.17
C THR B 638 -17.90 15.07 11.94
N SER B 639 -16.57 15.14 11.78
CA SER B 639 -15.92 16.43 11.66
C SER B 639 -16.15 17.03 10.29
N ILE B 640 -16.57 16.17 9.36
CA ILE B 640 -16.81 16.58 7.99
C ILE B 640 -18.26 17.03 7.77
N VAL B 641 -19.11 16.81 8.77
CA VAL B 641 -20.53 17.10 8.64
C VAL B 641 -20.85 18.56 8.37
N ALA B 642 -20.32 19.46 9.20
CA ALA B 642 -20.60 20.89 9.04
C ALA B 642 -19.81 21.55 7.92
N ARG B 643 -18.58 21.10 7.68
CA ARG B 643 -17.78 21.65 6.59
C ARG B 643 -16.82 20.58 6.12
N PHE B 644 -16.27 20.79 4.92
CA PHE B 644 -15.21 19.90 4.44
C PHE B 644 -13.91 20.08 5.23
N ASP B 645 -13.26 18.96 5.52
CA ASP B 645 -12.08 18.91 6.36
C ASP B 645 -11.01 18.12 5.58
N PRO B 646 -10.12 18.82 4.88
CA PRO B 646 -9.19 18.04 4.05
C PRO B 646 -8.34 17.07 4.87
N VAL B 647 -8.03 17.42 6.13
CA VAL B 647 -7.24 16.53 6.99
C VAL B 647 -7.97 15.23 7.34
N SER B 648 -9.22 15.35 7.80
CA SER B 648 -10.02 14.19 8.15
C SER B 648 -10.32 13.33 6.92
N CYS B 649 -10.69 13.98 5.84
CA CYS B 649 -10.93 13.30 4.58
C CYS B 649 -9.75 12.40 4.16
N GLN B 650 -8.54 12.97 4.15
CA GLN B 650 -7.35 12.22 3.76
C GLN B 650 -7.11 11.00 4.64
N GLN B 651 -7.28 11.17 5.95
CA GLN B 651 -7.20 10.04 6.89
C GLN B 651 -8.24 8.95 6.58
N LEU B 652 -9.45 9.35 6.20
CA LEU B 652 -10.48 8.40 5.82
C LEU B 652 -10.08 7.63 4.57
N LEU B 653 -9.68 8.36 3.52
CA LEU B 653 -9.23 7.70 2.28
C LEU B 653 -8.05 6.78 2.53
N LYS B 654 -7.16 7.21 3.41
CA LYS B 654 -5.97 6.42 3.71
C LYS B 654 -6.38 5.11 4.40
N ILE B 655 -7.33 5.18 5.32
CA ILE B 655 -7.75 3.98 6.02
C ILE B 655 -8.52 3.00 5.09
N TYR B 656 -9.25 3.54 4.12
CA TYR B 656 -9.79 2.70 3.05
C TYR B 656 -8.70 2.05 2.17
N LEU B 657 -7.71 2.83 1.74
CA LEU B 657 -6.66 2.35 0.85
C LEU B 657 -5.76 1.32 1.51
N GLN B 658 -5.39 1.60 2.75
CA GLN B 658 -4.51 0.76 3.55
C GLN B 658 -5.13 0.54 4.92
N PRO B 659 -6.02 -0.45 5.02
CA PRO B 659 -6.72 -0.81 6.27
C PRO B 659 -5.74 -1.35 7.29
N PRO B 660 -6.02 -1.13 8.58
CA PRO B 660 -5.12 -1.61 9.64
C PRO B 660 -5.00 -3.13 9.58
N LYS B 661 -3.82 -3.67 9.84
CA LYS B 661 -3.61 -5.11 9.82
C LYS B 661 -4.41 -5.90 10.85
N ASN B 662 -4.52 -5.36 12.06
CA ASN B 662 -5.24 -6.07 13.12
C ASN B 662 -6.72 -6.32 12.85
N ILE B 663 -7.39 -5.39 12.18
CA ILE B 663 -8.80 -5.57 11.87
C ILE B 663 -8.95 -6.82 11.02
N GLN B 664 -10.00 -7.59 11.31
CA GLN B 664 -10.24 -8.84 10.59
C GLN B 664 -11.02 -8.65 9.30
N GLU B 665 -10.40 -8.02 8.31
CA GLU B 665 -11.05 -7.84 7.03
C GLU B 665 -12.39 -7.15 7.24
N VAL B 666 -12.43 -6.25 8.21
CA VAL B 666 -13.62 -5.50 8.55
C VAL B 666 -13.85 -4.32 7.61
N THR B 667 -15.11 -3.97 7.39
CA THR B 667 -15.42 -2.84 6.54
C THR B 667 -15.62 -1.59 7.38
N LEU B 668 -14.68 -0.67 7.28
CA LEU B 668 -14.77 0.60 7.99
C LEU B 668 -15.60 1.64 7.23
N LEU B 669 -15.50 1.62 5.91
CA LEU B 669 -16.16 2.59 5.07
C LEU B 669 -16.72 1.91 3.81
N ASP B 670 -17.92 2.33 3.41
CA ASP B 670 -18.54 1.80 2.19
C ASP B 670 -18.20 2.64 0.96
N THR B 671 -18.12 2.01 -0.20
CA THR B 671 -17.64 2.69 -1.40
C THR B 671 -18.42 3.95 -1.78
N ASP B 672 -19.64 4.11 -1.30
CA ASP B 672 -20.37 5.30 -1.69
C ASP B 672 -19.76 6.48 -0.95
N THR B 673 -19.51 6.27 0.33
CA THR B 673 -18.91 7.29 1.18
C THR B 673 -17.53 7.68 0.65
N ILE B 674 -16.75 6.69 0.26
CA ILE B 674 -15.45 6.91 -0.32
C ILE B 674 -15.53 7.78 -1.57
N ILE B 675 -16.36 7.38 -2.52
CA ILE B 675 -16.53 8.14 -3.77
C ILE B 675 -16.87 9.59 -3.49
N SER B 676 -17.78 9.82 -2.54
CA SER B 676 -18.11 11.18 -2.15
C SER B 676 -16.87 11.96 -1.67
N LEU B 677 -16.16 11.40 -0.68
CA LEU B 677 -14.94 12.03 -0.16
C LEU B 677 -13.88 12.24 -1.25
N LEU B 678 -13.59 11.19 -2.00
CA LEU B 678 -12.63 11.27 -3.09
C LEU B 678 -12.94 12.40 -4.08
N ILE B 679 -14.22 12.64 -4.35
CA ILE B 679 -14.55 13.69 -5.29
C ILE B 679 -14.16 15.06 -4.72
N LYS B 680 -14.58 15.33 -3.50
CA LYS B 680 -14.22 16.58 -2.82
C LYS B 680 -12.71 16.79 -2.69
N LYS B 681 -11.98 15.71 -2.43
CA LYS B 681 -10.54 15.82 -2.25
C LYS B 681 -9.86 16.22 -3.55
N ILE B 682 -10.21 15.54 -4.65
CA ILE B 682 -9.70 15.89 -5.97
C ILE B 682 -9.99 17.36 -6.30
N SER B 683 -11.17 17.83 -5.91
CA SER B 683 -11.55 19.21 -6.12
C SER B 683 -10.69 20.14 -5.29
N TYR B 684 -10.49 19.81 -4.01
CA TYR B 684 -9.63 20.62 -3.16
C TYR B 684 -8.19 20.68 -3.69
N ASP B 685 -7.62 19.52 -4.00
CA ASP B 685 -6.28 19.44 -4.55
C ASP B 685 -6.11 20.29 -5.82
N CYS B 686 -7.09 20.19 -6.72
CA CYS B 686 -6.99 20.90 -7.99
C CYS B 686 -6.99 22.41 -7.78
N ARG B 687 -7.68 22.89 -6.74
CA ARG B 687 -7.86 24.33 -6.56
C ARG B 687 -6.53 25.03 -6.41
N TYR B 688 -5.66 24.41 -5.62
CA TYR B 688 -4.30 24.87 -5.37
C TYR B 688 -3.20 24.25 -6.24
N TYR B 689 -3.59 23.81 -7.43
CA TYR B 689 -2.64 23.41 -8.45
C TYR B 689 -2.07 22.00 -8.43
N ASN B 690 -2.49 21.17 -7.48
CA ASN B 690 -2.00 19.79 -7.54
C ASN B 690 -2.89 19.02 -8.55
N TYR B 691 -2.36 18.93 -9.77
CA TYR B 691 -2.93 18.20 -10.89
C TYR B 691 -2.25 16.84 -11.11
N CYS B 692 -1.39 16.46 -10.18
CA CYS B 692 -0.63 15.22 -10.24
C CYS B 692 -1.31 14.10 -9.42
N GLN B 693 -1.47 14.31 -8.12
CA GLN B 693 -2.36 13.47 -7.32
C GLN B 693 -2.11 11.96 -7.36
N ILE B 694 -0.86 11.56 -7.19
CA ILE B 694 -0.54 10.15 -7.17
C ILE B 694 -1.40 9.34 -6.17
N PHE B 695 -1.62 9.88 -4.98
CA PHE B 695 -2.43 9.16 -3.99
C PHE B 695 -3.86 8.96 -4.48
N ASN B 696 -4.47 10.00 -5.01
CA ASN B 696 -5.84 9.88 -5.50
C ASN B 696 -5.97 8.86 -6.65
N LEU B 697 -4.94 8.74 -7.50
CA LEU B 697 -4.96 7.73 -8.54
C LEU B 697 -4.97 6.33 -7.93
N GLN B 698 -4.24 6.16 -6.83
CA GLN B 698 -4.19 4.88 -6.16
C GLN B 698 -5.57 4.50 -5.70
N LEU B 699 -6.30 5.49 -5.18
CA LEU B 699 -7.68 5.31 -4.76
C LEU B 699 -8.59 4.95 -5.95
N LEU B 700 -8.56 5.75 -7.01
CA LEU B 700 -9.32 5.42 -8.21
C LEU B 700 -8.98 4.00 -8.68
N GLU B 701 -7.70 3.63 -8.64
CA GLU B 701 -7.33 2.28 -9.08
C GLU B 701 -7.99 1.18 -8.24
N LYS B 702 -8.01 1.35 -6.92
CA LYS B 702 -8.69 0.42 -6.03
C LYS B 702 -10.19 0.37 -6.32
N LEU B 703 -10.84 1.53 -6.43
CA LEU B 703 -12.25 1.58 -6.79
C LEU B 703 -12.56 0.89 -8.13
N CYS B 704 -11.75 1.14 -9.16
CA CYS B 704 -11.95 0.43 -10.42
C CYS B 704 -11.82 -1.07 -10.21
N ASN B 705 -10.94 -1.51 -9.31
CA ASN B 705 -10.82 -2.94 -9.08
C ASN B 705 -12.08 -3.53 -8.46
N GLU B 706 -12.66 -2.81 -7.51
CA GLU B 706 -13.85 -3.27 -6.82
C GLU B 706 -15.14 -3.14 -7.65
N LEU B 707 -15.43 -1.96 -8.16
CA LEU B 707 -16.69 -1.72 -8.85
C LEU B 707 -16.67 -1.96 -10.33
N GLY B 708 -15.47 -1.99 -10.91
CA GLY B 708 -15.31 -1.87 -12.36
C GLY B 708 -15.33 -0.41 -12.83
N THR B 709 -14.59 -0.13 -13.89
CA THR B 709 -14.40 1.23 -14.34
C THR B 709 -15.67 1.96 -14.75
N HIS B 710 -16.56 1.28 -15.48
CA HIS B 710 -17.77 1.90 -16.01
C HIS B 710 -18.78 2.23 -14.90
N ILE B 711 -19.09 1.22 -14.09
CA ILE B 711 -19.89 1.44 -12.90
C ILE B 711 -19.38 2.62 -12.08
N LEU B 712 -18.08 2.61 -11.77
CA LEU B 712 -17.48 3.69 -10.98
C LEU B 712 -17.74 5.04 -11.62
N ARG B 713 -17.52 5.12 -12.94
CA ARG B 713 -17.77 6.36 -13.66
C ARG B 713 -19.23 6.83 -13.50
N ASN B 714 -20.19 5.90 -13.61
CA ASN B 714 -21.59 6.26 -13.43
C ASN B 714 -21.85 6.81 -12.03
N LYS B 715 -21.39 6.08 -11.01
CA LYS B 715 -21.50 6.57 -9.64
C LYS B 715 -20.93 7.99 -9.45
N ILE B 716 -19.84 8.31 -10.14
CA ILE B 716 -19.33 9.67 -10.08
C ILE B 716 -20.31 10.64 -10.72
N LEU B 717 -20.78 10.31 -11.93
CA LEU B 717 -21.74 11.16 -12.66
C LEU B 717 -23.03 11.41 -11.90
N LEU B 718 -23.45 10.45 -11.09
CA LEU B 718 -24.66 10.55 -10.27
C LEU B 718 -24.59 11.56 -9.11
N GLN B 719 -23.39 12.01 -8.78
CA GLN B 719 -23.19 12.89 -7.65
C GLN B 719 -23.48 14.33 -8.02
N PRO B 720 -24.32 14.99 -7.22
CA PRO B 720 -24.81 16.35 -7.45
C PRO B 720 -23.75 17.47 -7.60
N SER B 721 -22.58 17.31 -7.00
CA SER B 721 -21.58 18.38 -7.13
C SER B 721 -20.84 18.33 -8.47
N ILE B 722 -20.98 17.23 -9.20
CA ILE B 722 -20.15 17.02 -10.37
C ILE B 722 -20.61 17.85 -11.56
N GLY B 723 -19.74 18.75 -12.00
CA GLY B 723 -19.89 19.48 -13.24
C GLY B 723 -18.85 19.10 -14.28
N ASP B 724 -18.67 19.95 -15.29
CA ASP B 724 -17.75 19.62 -16.37
C ASP B 724 -16.29 19.85 -16.04
N GLU B 725 -16.02 20.88 -15.25
CA GLU B 725 -14.64 21.22 -14.91
C GLU B 725 -13.97 20.09 -14.14
N ILE B 726 -14.67 19.50 -13.19
CA ILE B 726 -14.06 18.43 -12.44
C ILE B 726 -14.00 17.15 -13.25
N MET B 727 -14.90 17.00 -14.21
CA MET B 727 -14.86 15.76 -14.98
C MET B 727 -13.70 15.73 -15.96
N VAL B 728 -13.23 16.90 -16.38
CA VAL B 728 -12.03 16.97 -17.21
C VAL B 728 -10.92 16.21 -16.51
N MET B 729 -10.67 16.61 -15.26
CA MET B 729 -9.65 15.99 -14.42
C MET B 729 -9.93 14.50 -14.20
N ILE B 730 -11.12 14.18 -13.71
CA ILE B 730 -11.45 12.78 -13.46
C ILE B 730 -11.37 11.93 -14.72
N ASP B 731 -11.87 12.44 -15.85
CA ASP B 731 -11.80 11.65 -17.07
C ASP B 731 -10.35 11.36 -17.49
N ALA B 732 -9.49 12.33 -17.29
CA ALA B 732 -8.08 12.15 -17.59
C ALA B 732 -7.49 11.01 -16.74
N MET B 733 -7.73 11.08 -15.43
CA MET B 733 -7.21 10.06 -14.53
C MET B 733 -7.79 8.69 -14.89
N LEU B 734 -9.09 8.64 -15.18
CA LEU B 734 -9.72 7.38 -15.54
C LEU B 734 -9.20 6.83 -16.87
N ALA B 735 -9.01 7.74 -17.82
CA ALA B 735 -8.50 7.39 -19.13
C ALA B 735 -7.13 6.71 -19.03
N TRP B 736 -6.24 7.32 -18.25
CA TRP B 736 -4.89 6.82 -17.99
C TRP B 736 -4.92 5.43 -17.35
N ILE B 737 -5.69 5.27 -16.28
CA ILE B 737 -5.85 3.98 -15.62
C ILE B 737 -6.35 2.93 -16.59
N ALA B 738 -7.27 3.33 -17.45
CA ALA B 738 -7.84 2.42 -18.44
C ALA B 738 -6.79 1.99 -19.44
N ASP B 739 -6.03 2.96 -19.95
CA ASP B 739 -4.96 2.64 -20.87
C ASP B 739 -4.02 1.59 -20.28
N LEU B 740 -3.85 1.59 -18.96
CA LEU B 740 -2.87 0.71 -18.35
C LEU B 740 -3.34 -0.75 -18.30
N ASP B 741 -4.65 -0.94 -18.42
CA ASP B 741 -5.23 -2.27 -18.31
C ASP B 741 -4.97 -3.18 -19.51
N HIS B 742 -4.60 -2.61 -20.66
CA HIS B 742 -4.24 -3.43 -21.82
C HIS B 742 -2.72 -3.52 -21.97
N THR B 743 -2.12 -4.65 -21.57
CA THR B 743 -0.67 -4.83 -21.67
C THR B 743 -0.21 -6.28 -21.45
N1 EPE C . -1.07 14.10 -0.66
C2 EPE C . 0.20 13.73 -1.30
C3 EPE C . 0.42 12.23 -1.39
N4 EPE C . 0.39 11.69 -0.06
C5 EPE C . -0.98 11.86 0.41
C6 EPE C . -1.36 13.33 0.56
C7 EPE C . 0.86 10.30 0.09
C8 EPE C . 0.97 9.47 -1.19
O8 EPE C . 1.16 8.10 -0.89
C9 EPE C . -1.06 15.55 -0.36
C10 EPE C . -1.69 16.31 -1.53
S EPE C . -1.96 18.07 -1.19
O1S EPE C . -3.01 18.20 -0.17
O2S EPE C . -0.72 18.66 -0.67
O3S EPE C . -2.37 18.76 -2.42
C1 GOL D . 18.34 36.35 -16.44
O1 GOL D . 17.73 35.10 -16.76
C2 GOL D . 17.34 37.50 -16.60
O2 GOL D . 17.99 38.75 -16.82
C3 GOL D . 16.49 37.51 -15.33
O3 GOL D . 15.17 37.87 -15.66
#